data_2EPU
#
_entry.id   2EPU
#
loop_
_entity.id
_entity.type
_entity.pdbx_description
1 polymer 'Zinc finger protein 32'
2 non-polymer 'ZINC ION'
#
_entity_poly.entity_id   1
_entity_poly.type   'polypeptide(L)'
_entity_poly.pdbx_seq_one_letter_code
;GSSGSSGTGQKPFECTHCGKSFRAKGNLVTHQRIHTGEKSGPSSG
;
_entity_poly.pdbx_strand_id   A
#
loop_
_chem_comp.id
_chem_comp.type
_chem_comp.name
_chem_comp.formula
ZN non-polymer 'ZINC ION' 'Zn 2'
#
# COMPACT_ATOMS: atom_id res chain seq x y z
N GLY A 1 -13.66 0.94 -13.65
CA GLY A 1 -13.58 -0.17 -14.57
C GLY A 1 -12.24 -0.26 -15.26
N SER A 2 -11.17 -0.37 -14.45
CA SER A 2 -9.82 -0.46 -15.00
C SER A 2 -9.60 -1.80 -15.70
N SER A 3 -8.72 -1.79 -16.69
CA SER A 3 -8.43 -3.00 -17.45
C SER A 3 -8.34 -4.22 -16.53
N GLY A 4 -7.51 -4.11 -15.49
CA GLY A 4 -7.35 -5.20 -14.56
C GLY A 4 -6.02 -5.90 -14.70
N SER A 5 -4.95 -5.11 -14.80
CA SER A 5 -3.61 -5.67 -14.95
C SER A 5 -2.93 -5.81 -13.59
N SER A 6 -2.65 -7.04 -13.20
CA SER A 6 -2.01 -7.33 -11.92
C SER A 6 -0.99 -8.44 -12.06
N GLY A 7 -0.21 -8.66 -11.00
CA GLY A 7 0.79 -9.70 -11.01
C GLY A 7 1.95 -9.37 -11.94
N THR A 8 2.84 -8.50 -11.47
CA THR A 8 4.00 -8.09 -12.26
C THR A 8 5.22 -8.93 -11.91
N GLY A 9 5.22 -9.47 -10.70
CA GLY A 9 6.35 -10.29 -10.25
C GLY A 9 6.73 -10.02 -8.82
N GLN A 10 7.61 -9.05 -8.62
CA GLN A 10 8.06 -8.69 -7.28
C GLN A 10 8.66 -7.30 -7.25
N LYS A 11 8.03 -6.40 -6.49
CA LYS A 11 8.51 -5.02 -6.38
C LYS A 11 9.33 -4.82 -5.12
N PRO A 12 10.21 -3.81 -5.12
CA PRO A 12 11.06 -3.49 -3.98
C PRO A 12 10.27 -2.93 -2.80
N PHE A 13 8.99 -2.67 -3.03
CA PHE A 13 8.13 -2.13 -1.98
C PHE A 13 6.69 -2.56 -2.19
N GLU A 14 6.22 -3.48 -1.36
CA GLU A 14 4.84 -3.98 -1.46
C GLU A 14 4.10 -3.77 -0.14
N CYS A 15 2.79 -3.52 -0.24
CA CYS A 15 1.97 -3.31 0.94
C CYS A 15 1.34 -4.62 1.40
N THR A 16 2.16 -5.49 1.98
CA THR A 16 1.69 -6.78 2.47
C THR A 16 0.26 -6.68 3.01
N HIS A 17 -0.04 -5.56 3.66
CA HIS A 17 -1.37 -5.34 4.21
C HIS A 17 -2.45 -5.73 3.21
N CYS A 18 -2.43 -5.10 2.05
CA CYS A 18 -3.40 -5.39 1.00
C CYS A 18 -2.74 -6.03 -0.21
N GLY A 19 -1.58 -5.51 -0.60
CA GLY A 19 -0.86 -6.04 -1.73
C GLY A 19 -0.48 -4.97 -2.74
N LYS A 20 -0.59 -3.72 -2.33
CA LYS A 20 -0.26 -2.59 -3.19
C LYS A 20 1.26 -2.46 -3.37
N SER A 21 1.72 -2.63 -4.61
CA SER A 21 3.14 -2.54 -4.91
C SER A 21 3.51 -1.12 -5.33
N PHE A 22 4.79 -0.79 -5.21
CA PHE A 22 5.28 0.54 -5.57
C PHE A 22 6.71 0.47 -6.09
N ARG A 23 7.19 1.58 -6.63
CA ARG A 23 8.54 1.65 -7.18
C ARG A 23 9.54 2.09 -6.10
N ALA A 24 9.16 3.10 -5.33
CA ALA A 24 10.01 3.62 -4.28
C ALA A 24 9.36 3.43 -2.90
N LYS A 25 10.19 3.41 -1.86
CA LYS A 25 9.69 3.25 -0.50
C LYS A 25 8.64 4.30 -0.17
N GLY A 26 9.04 5.57 -0.27
CA GLY A 26 8.12 6.65 0.02
C GLY A 26 6.74 6.41 -0.55
N ASN A 27 6.65 6.32 -1.88
CA ASN A 27 5.38 6.10 -2.55
C ASN A 27 4.51 5.12 -1.76
N LEU A 28 5.08 3.97 -1.43
CA LEU A 28 4.37 2.95 -0.67
C LEU A 28 4.03 3.45 0.73
N VAL A 29 5.04 3.96 1.44
CA VAL A 29 4.84 4.47 2.79
C VAL A 29 3.60 5.35 2.88
N THR A 30 3.46 6.26 1.92
CA THR A 30 2.32 7.16 1.87
C THR A 30 1.01 6.39 1.73
N HIS A 31 1.07 5.28 0.98
CA HIS A 31 -0.11 4.46 0.75
C HIS A 31 -0.53 3.75 2.04
N GLN A 32 0.44 3.15 2.72
CA GLN A 32 0.16 2.43 3.96
C GLN A 32 -0.61 3.32 4.94
N ARG A 33 -0.35 4.62 4.87
CA ARG A 33 -1.02 5.57 5.75
C ARG A 33 -2.53 5.42 5.67
N ILE A 34 -3.01 4.82 4.58
CA ILE A 34 -4.43 4.60 4.39
C ILE A 34 -4.96 3.51 5.30
N HIS A 35 -4.09 2.54 5.60
CA HIS A 35 -4.47 1.43 6.48
C HIS A 35 -4.46 1.86 7.94
N THR A 36 -3.35 2.43 8.37
CA THR A 36 -3.21 2.88 9.75
C THR A 36 -4.54 3.40 10.30
N GLY A 37 -4.78 3.17 11.58
CA GLY A 37 -6.01 3.61 12.21
C GLY A 37 -6.04 5.12 12.41
N GLU A 38 -5.02 5.64 13.08
CA GLU A 38 -4.94 7.08 13.34
C GLU A 38 -5.25 7.87 12.08
N LYS A 39 -5.77 9.08 12.28
CA LYS A 39 -6.11 9.96 11.16
C LYS A 39 -5.70 11.40 11.43
N SER A 40 -4.92 11.98 10.52
CA SER A 40 -4.45 13.35 10.68
C SER A 40 -5.18 14.28 9.71
N GLY A 41 -5.39 13.81 8.48
CA GLY A 41 -6.06 14.61 7.48
C GLY A 41 -5.30 15.88 7.13
N PRO A 42 -5.40 16.30 5.87
CA PRO A 42 -4.72 17.51 5.39
C PRO A 42 -5.32 18.78 5.96
N SER A 43 -4.87 19.93 5.45
CA SER A 43 -5.36 21.22 5.92
C SER A 43 -6.38 21.80 4.95
N SER A 44 -5.97 21.95 3.69
CA SER A 44 -6.85 22.50 2.66
C SER A 44 -6.54 21.87 1.30
N GLY A 45 -7.34 22.22 0.30
CA GLY A 45 -7.15 21.69 -1.03
C GLY A 45 -6.67 22.73 -2.02
ZN ZN B . -2.16 -1.32 1.30
N GLY A 1 -8.58 -21.33 -0.92
CA GLY A 1 -7.62 -22.31 -1.38
C GLY A 1 -6.27 -21.69 -1.72
N SER A 2 -5.71 -22.07 -2.86
CA SER A 2 -4.43 -21.55 -3.29
C SER A 2 -4.30 -20.06 -2.98
N SER A 3 -3.20 -19.70 -2.32
CA SER A 3 -2.97 -18.31 -1.94
C SER A 3 -3.32 -17.37 -3.09
N GLY A 4 -2.73 -17.61 -4.25
CA GLY A 4 -3.00 -16.78 -5.41
C GLY A 4 -1.77 -16.03 -5.88
N SER A 5 -1.20 -16.45 -7.00
CA SER A 5 -0.01 -15.81 -7.55
C SER A 5 -0.33 -15.12 -8.88
N SER A 6 -0.05 -13.82 -8.95
CA SER A 6 -0.31 -13.05 -10.16
C SER A 6 0.39 -13.67 -11.36
N GLY A 7 1.71 -13.83 -11.25
CA GLY A 7 2.48 -14.41 -12.33
C GLY A 7 3.95 -14.54 -12.00
N THR A 8 4.68 -13.44 -12.13
CA THR A 8 6.12 -13.43 -11.84
C THR A 8 6.62 -12.01 -11.62
N GLY A 9 7.74 -11.88 -10.90
CA GLY A 9 8.31 -10.57 -10.64
C GLY A 9 7.83 -9.99 -9.33
N GLN A 10 8.75 -9.41 -8.57
CA GLN A 10 8.43 -8.80 -7.29
C GLN A 10 8.92 -7.36 -7.22
N LYS A 11 8.19 -6.53 -6.48
CA LYS A 11 8.55 -5.12 -6.33
C LYS A 11 9.35 -4.91 -5.05
N PRO A 12 10.22 -3.88 -5.07
CA PRO A 12 11.06 -3.54 -3.91
C PRO A 12 10.24 -2.98 -2.75
N PHE A 13 8.97 -2.71 -3.00
CA PHE A 13 8.08 -2.17 -1.98
C PHE A 13 6.65 -2.63 -2.20
N GLU A 14 6.19 -3.56 -1.37
CA GLU A 14 4.83 -4.08 -1.48
C GLU A 14 4.07 -3.89 -0.17
N CYS A 15 2.80 -3.53 -0.28
CA CYS A 15 1.96 -3.31 0.88
C CYS A 15 1.30 -4.61 1.33
N THR A 16 2.07 -5.48 1.96
CA THR A 16 1.56 -6.76 2.44
C THR A 16 0.14 -6.62 2.96
N HIS A 17 -0.15 -5.51 3.62
CA HIS A 17 -1.47 -5.25 4.18
C HIS A 17 -2.55 -5.65 3.18
N CYS A 18 -2.53 -5.03 2.01
CA CYS A 18 -3.52 -5.31 0.97
C CYS A 18 -2.85 -5.96 -0.25
N GLY A 19 -1.68 -5.44 -0.61
CA GLY A 19 -0.97 -5.98 -1.76
C GLY A 19 -0.57 -4.90 -2.74
N LYS A 20 -0.70 -3.64 -2.33
CA LYS A 20 -0.35 -2.52 -3.20
C LYS A 20 1.17 -2.40 -3.34
N SER A 21 1.64 -2.58 -4.57
CA SER A 21 3.07 -2.49 -4.85
C SER A 21 3.46 -1.08 -5.29
N PHE A 22 4.76 -0.79 -5.23
CA PHE A 22 5.26 0.53 -5.61
C PHE A 22 6.69 0.44 -6.13
N ARG A 23 7.20 1.55 -6.65
CA ARG A 23 8.56 1.58 -7.18
C ARG A 23 9.54 2.03 -6.11
N ALA A 24 9.16 3.03 -5.34
CA ALA A 24 10.01 3.54 -4.26
C ALA A 24 9.34 3.38 -2.91
N LYS A 25 10.15 3.38 -1.85
CA LYS A 25 9.64 3.23 -0.50
C LYS A 25 8.61 4.30 -0.19
N GLY A 26 9.02 5.56 -0.27
CA GLY A 26 8.11 6.66 0.01
C GLY A 26 6.73 6.43 -0.58
N ASN A 27 6.65 6.36 -1.90
CA ASN A 27 5.39 6.15 -2.59
C ASN A 27 4.51 5.17 -1.81
N LEU A 28 5.09 4.03 -1.44
CA LEU A 28 4.35 3.01 -0.70
C LEU A 28 4.00 3.52 0.71
N VAL A 29 4.99 4.05 1.41
CA VAL A 29 4.78 4.58 2.75
C VAL A 29 3.53 5.45 2.81
N THR A 30 3.41 6.37 1.87
CA THR A 30 2.26 7.26 1.81
C THR A 30 0.96 6.48 1.66
N HIS A 31 1.03 5.36 0.95
CA HIS A 31 -0.14 4.52 0.73
C HIS A 31 -0.55 3.81 2.02
N GLN A 32 0.42 3.22 2.71
CA GLN A 32 0.15 2.51 3.96
C GLN A 32 -0.63 3.39 4.92
N ARG A 33 -0.39 4.70 4.85
CA ARG A 33 -1.08 5.65 5.72
C ARG A 33 -2.59 5.47 5.64
N ILE A 34 -3.05 4.87 4.55
CA ILE A 34 -4.47 4.63 4.34
C ILE A 34 -4.99 3.52 5.26
N HIS A 35 -4.10 2.58 5.58
CA HIS A 35 -4.46 1.46 6.44
C HIS A 35 -4.41 1.87 7.92
N THR A 36 -3.29 2.47 8.31
CA THR A 36 -3.11 2.90 9.69
C THR A 36 -4.43 3.37 10.30
N GLY A 37 -4.61 3.10 11.59
CA GLY A 37 -5.83 3.50 12.27
C GLY A 37 -5.56 4.34 13.50
N GLU A 38 -4.98 5.50 13.30
CA GLU A 38 -4.66 6.40 14.42
C GLU A 38 -5.54 7.64 14.38
N LYS A 39 -6.82 7.45 14.07
CA LYS A 39 -7.77 8.55 14.01
C LYS A 39 -9.18 8.08 14.36
N SER A 40 -9.93 8.94 15.05
CA SER A 40 -11.29 8.61 15.46
C SER A 40 -12.30 9.55 14.80
N GLY A 41 -12.96 9.05 13.77
CA GLY A 41 -13.95 9.86 13.06
C GLY A 41 -13.52 11.30 12.94
N PRO A 42 -14.50 12.20 12.73
CA PRO A 42 -14.25 13.64 12.58
C PRO A 42 -13.80 14.28 13.89
N SER A 43 -12.97 15.32 13.78
CA SER A 43 -12.48 16.02 14.95
C SER A 43 -12.98 17.47 14.97
N SER A 44 -13.36 17.97 13.81
CA SER A 44 -13.86 19.34 13.69
C SER A 44 -14.68 19.51 12.42
N GLY A 45 -15.90 20.02 12.57
CA GLY A 45 -16.77 20.22 11.44
C GLY A 45 -17.83 19.15 11.31
ZN ZN B . -2.15 -1.31 1.26
N GLY A 1 25.40 -2.89 -10.53
CA GLY A 1 25.50 -4.06 -9.68
C GLY A 1 24.50 -5.13 -10.05
N SER A 2 24.98 -6.37 -10.18
CA SER A 2 24.13 -7.49 -10.54
C SER A 2 23.99 -8.48 -9.38
N SER A 3 22.97 -9.32 -9.45
CA SER A 3 22.74 -10.31 -8.41
C SER A 3 22.91 -11.73 -8.95
N GLY A 4 22.36 -11.98 -10.14
CA GLY A 4 22.47 -13.28 -10.75
C GLY A 4 21.75 -14.35 -9.95
N SER A 5 20.47 -14.13 -9.69
CA SER A 5 19.67 -15.08 -8.91
C SER A 5 18.39 -15.43 -9.65
N SER A 6 18.08 -16.73 -9.72
CA SER A 6 16.88 -17.19 -10.40
C SER A 6 15.64 -16.91 -9.56
N GLY A 7 14.57 -16.48 -10.23
CA GLY A 7 13.34 -16.18 -9.53
C GLY A 7 13.21 -14.71 -9.17
N THR A 8 13.51 -13.84 -10.13
CA THR A 8 13.44 -12.40 -9.92
C THR A 8 12.26 -11.79 -10.67
N GLY A 9 11.35 -11.16 -9.93
CA GLY A 9 10.19 -10.55 -10.54
C GLY A 9 9.19 -10.06 -9.52
N GLN A 10 9.51 -8.96 -8.86
CA GLN A 10 8.63 -8.38 -7.85
C GLN A 10 9.04 -6.95 -7.51
N LYS A 11 8.09 -6.18 -6.99
CA LYS A 11 8.34 -4.79 -6.63
C LYS A 11 9.20 -4.71 -5.37
N PRO A 12 10.08 -3.71 -5.32
CA PRO A 12 10.98 -3.49 -4.17
C PRO A 12 10.22 -3.02 -2.92
N PHE A 13 8.95 -2.71 -3.10
CA PHE A 13 8.12 -2.25 -1.99
C PHE A 13 6.66 -2.67 -2.19
N GLU A 14 6.20 -3.60 -1.36
CA GLU A 14 4.82 -4.08 -1.44
C GLU A 14 4.10 -3.89 -0.11
N CYS A 15 2.81 -3.59 -0.20
CA CYS A 15 2.00 -3.38 0.99
C CYS A 15 1.34 -4.68 1.44
N THR A 16 2.14 -5.59 2.00
CA THR A 16 1.65 -6.87 2.47
C THR A 16 0.23 -6.74 3.02
N HIS A 17 -0.03 -5.63 3.70
CA HIS A 17 -1.35 -5.38 4.28
C HIS A 17 -2.46 -5.76 3.30
N CYS A 18 -2.45 -5.13 2.13
CA CYS A 18 -3.45 -5.42 1.11
C CYS A 18 -2.82 -6.07 -0.12
N GLY A 19 -1.66 -5.54 -0.54
CA GLY A 19 -0.97 -6.08 -1.69
C GLY A 19 -0.56 -5.00 -2.67
N LYS A 20 -0.76 -3.75 -2.29
CA LYS A 20 -0.39 -2.62 -3.14
C LYS A 20 1.11 -2.53 -3.32
N SER A 21 1.58 -2.70 -4.55
CA SER A 21 3.01 -2.63 -4.84
C SER A 21 3.41 -1.23 -5.27
N PHE A 22 4.69 -0.91 -5.09
CA PHE A 22 5.20 0.41 -5.45
C PHE A 22 6.64 0.31 -5.97
N ARG A 23 7.10 1.38 -6.61
CA ARG A 23 8.46 1.41 -7.16
C ARG A 23 9.45 1.91 -6.12
N ALA A 24 9.06 2.96 -5.39
CA ALA A 24 9.92 3.54 -4.37
C ALA A 24 9.32 3.34 -2.97
N LYS A 25 10.17 3.32 -1.96
CA LYS A 25 9.72 3.14 -0.59
C LYS A 25 8.71 4.21 -0.20
N GLY A 26 9.09 5.47 -0.38
CA GLY A 26 8.20 6.57 -0.05
C GLY A 26 6.79 6.36 -0.58
N ASN A 27 6.69 6.26 -1.91
CA ASN A 27 5.40 6.06 -2.55
C ASN A 27 4.53 5.10 -1.75
N LEU A 28 5.11 3.96 -1.38
CA LEU A 28 4.39 2.95 -0.61
C LEU A 28 4.09 3.45 0.80
N VAL A 29 5.11 3.97 1.46
CA VAL A 29 4.96 4.49 2.82
C VAL A 29 3.72 5.37 2.94
N THR A 30 3.55 6.27 1.97
CA THR A 30 2.42 7.17 1.96
C THR A 30 1.11 6.41 1.81
N HIS A 31 1.15 5.31 1.08
CA HIS A 31 -0.04 4.48 0.87
C HIS A 31 -0.47 3.81 2.16
N GLN A 32 0.49 3.21 2.87
CA GLN A 32 0.21 2.53 4.13
C GLN A 32 -0.59 3.44 5.07
N ARG A 33 -0.34 4.75 4.98
CA ARG A 33 -1.02 5.72 5.81
C ARG A 33 -2.54 5.54 5.73
N ILE A 34 -2.99 4.97 4.62
CA ILE A 34 -4.42 4.74 4.41
C ILE A 34 -4.94 3.65 5.33
N HIS A 35 -4.11 2.65 5.59
CA HIS A 35 -4.49 1.54 6.46
C HIS A 35 -4.56 1.99 7.91
N THR A 36 -3.47 2.59 8.40
CA THR A 36 -3.41 3.06 9.77
C THR A 36 -4.76 3.59 10.24
N GLY A 37 -5.09 3.34 11.51
CA GLY A 37 -6.36 3.80 12.05
C GLY A 37 -6.21 5.05 12.91
N GLU A 38 -6.23 6.22 12.28
CA GLU A 38 -6.09 7.47 13.00
C GLU A 38 -7.16 8.47 12.56
N LYS A 39 -7.28 9.56 13.32
CA LYS A 39 -8.27 10.59 13.01
C LYS A 39 -7.68 11.98 13.23
N SER A 40 -8.10 12.94 12.41
CA SER A 40 -7.61 14.31 12.52
C SER A 40 -8.49 15.12 13.46
N GLY A 41 -7.86 15.82 14.40
CA GLY A 41 -8.59 16.62 15.35
C GLY A 41 -7.73 17.09 16.51
N PRO A 42 -8.37 17.64 17.55
CA PRO A 42 -7.68 18.14 18.74
C PRO A 42 -7.06 17.01 19.57
N SER A 43 -5.76 17.10 19.81
CA SER A 43 -5.06 16.09 20.59
C SER A 43 -4.58 16.66 21.92
N SER A 44 -4.30 15.78 22.87
CA SER A 44 -3.83 16.20 24.19
C SER A 44 -2.48 15.57 24.51
N GLY A 45 -1.59 15.55 23.52
CA GLY A 45 -0.28 14.98 23.72
C GLY A 45 0.44 14.70 22.41
ZN ZN B . -2.13 -1.36 1.38
N GLY A 1 -6.43 -10.89 -18.95
CA GLY A 1 -7.42 -9.93 -18.51
C GLY A 1 -7.05 -8.50 -18.87
N SER A 2 -8.04 -7.70 -19.26
CA SER A 2 -7.81 -6.31 -19.63
C SER A 2 -8.19 -5.38 -18.50
N SER A 3 -9.45 -5.44 -18.08
CA SER A 3 -9.95 -4.60 -17.01
C SER A 3 -9.46 -5.10 -15.65
N GLY A 4 -8.38 -4.51 -15.17
CA GLY A 4 -7.83 -4.91 -13.88
C GLY A 4 -6.82 -3.91 -13.34
N SER A 5 -7.24 -3.12 -12.37
CA SER A 5 -6.37 -2.11 -11.77
C SER A 5 -5.23 -2.77 -11.01
N SER A 6 -5.56 -3.77 -10.20
CA SER A 6 -4.56 -4.49 -9.41
C SER A 6 -3.51 -5.12 -10.32
N GLY A 7 -2.25 -5.06 -9.88
CA GLY A 7 -1.17 -5.64 -10.66
C GLY A 7 -0.52 -6.80 -9.96
N THR A 8 0.25 -7.58 -10.72
CA THR A 8 0.94 -8.75 -10.16
C THR A 8 2.35 -8.88 -10.74
N GLY A 9 3.33 -9.02 -9.85
CA GLY A 9 4.72 -9.14 -10.29
C GLY A 9 5.69 -9.12 -9.14
N GLN A 10 6.73 -8.31 -9.25
CA GLN A 10 7.74 -8.19 -8.22
C GLN A 10 8.20 -6.75 -8.06
N LYS A 11 7.95 -6.18 -6.88
CA LYS A 11 8.34 -4.81 -6.59
C LYS A 11 9.19 -4.73 -5.32
N PRO A 12 10.10 -3.75 -5.27
CA PRO A 12 10.99 -3.55 -4.12
C PRO A 12 10.23 -3.04 -2.89
N PHE A 13 8.96 -2.72 -3.08
CA PHE A 13 8.13 -2.22 -1.99
C PHE A 13 6.68 -2.67 -2.16
N GLU A 14 6.27 -3.64 -1.34
CA GLU A 14 4.91 -4.16 -1.40
C GLU A 14 4.20 -3.99 -0.06
N CYS A 15 2.93 -3.61 -0.12
CA CYS A 15 2.14 -3.40 1.10
C CYS A 15 1.53 -4.72 1.56
N THR A 16 2.34 -5.57 2.17
CA THR A 16 1.87 -6.86 2.67
C THR A 16 0.44 -6.77 3.18
N HIS A 17 0.14 -5.68 3.87
CA HIS A 17 -1.19 -5.46 4.42
C HIS A 17 -2.27 -5.87 3.42
N CYS A 18 -2.25 -5.25 2.25
CA CYS A 18 -3.21 -5.55 1.20
C CYS A 18 -2.53 -6.17 -0.02
N GLY A 19 -1.38 -5.62 -0.39
CA GLY A 19 -0.65 -6.13 -1.53
C GLY A 19 -0.33 -5.05 -2.55
N LYS A 20 -0.44 -3.80 -2.14
CA LYS A 20 -0.15 -2.67 -3.01
C LYS A 20 1.35 -2.51 -3.23
N SER A 21 1.79 -2.68 -4.46
CA SER A 21 3.20 -2.56 -4.80
C SER A 21 3.53 -1.13 -5.20
N PHE A 22 4.82 -0.79 -5.15
CA PHE A 22 5.28 0.54 -5.52
C PHE A 22 6.70 0.50 -6.07
N ARG A 23 7.13 1.62 -6.67
CA ARG A 23 8.47 1.70 -7.23
C ARG A 23 9.49 2.08 -6.17
N ALA A 24 9.14 3.04 -5.34
CA ALA A 24 10.02 3.49 -4.27
C ALA A 24 9.37 3.31 -2.90
N LYS A 25 10.20 3.29 -1.86
CA LYS A 25 9.70 3.11 -0.49
C LYS A 25 8.66 4.18 -0.15
N GLY A 26 9.08 5.44 -0.20
CA GLY A 26 8.17 6.54 0.10
C GLY A 26 6.78 6.30 -0.46
N ASN A 27 6.67 6.32 -1.78
CA ASN A 27 5.38 6.12 -2.44
C ASN A 27 4.53 5.12 -1.67
N LEU A 28 5.13 4.01 -1.28
CA LEU A 28 4.43 2.97 -0.53
C LEU A 28 4.10 3.45 0.88
N VAL A 29 5.09 4.01 1.56
CA VAL A 29 4.89 4.51 2.91
C VAL A 29 3.62 5.35 3.01
N THR A 30 3.45 6.26 2.05
CA THR A 30 2.28 7.14 2.03
C THR A 30 1.00 6.33 1.89
N HIS A 31 1.08 5.22 1.16
CA HIS A 31 -0.08 4.36 0.94
C HIS A 31 -0.49 3.67 2.24
N GLN A 32 0.49 3.10 2.93
CA GLN A 32 0.22 2.41 4.20
C GLN A 32 -0.59 3.28 5.13
N ARG A 33 -0.36 4.59 5.07
CA ARG A 33 -1.09 5.53 5.93
C ARG A 33 -2.59 5.31 5.83
N ILE A 34 -3.03 4.74 4.72
CA ILE A 34 -4.45 4.47 4.51
C ILE A 34 -4.95 3.37 5.45
N HIS A 35 -4.06 2.43 5.77
CA HIS A 35 -4.40 1.33 6.65
C HIS A 35 -4.42 1.78 8.11
N THR A 36 -3.34 2.45 8.53
CA THR A 36 -3.24 2.93 9.89
C THR A 36 -4.59 3.41 10.42
N GLY A 37 -5.26 4.23 9.63
CA GLY A 37 -6.56 4.75 10.03
C GLY A 37 -6.54 5.37 11.41
N GLU A 38 -5.60 6.29 11.62
CA GLU A 38 -5.48 6.97 12.91
C GLU A 38 -6.62 7.95 13.12
N LYS A 39 -7.20 8.44 12.03
CA LYS A 39 -8.30 9.39 12.10
C LYS A 39 -9.42 8.99 11.13
N SER A 40 -10.62 9.48 11.40
CA SER A 40 -11.77 9.18 10.56
C SER A 40 -11.39 9.20 9.09
N GLY A 41 -11.33 8.02 8.47
CA GLY A 41 -10.97 7.92 7.07
C GLY A 41 -12.00 8.58 6.17
N PRO A 42 -11.61 8.82 4.91
CA PRO A 42 -12.50 9.45 3.91
C PRO A 42 -13.64 8.53 3.50
N SER A 43 -13.69 7.34 4.07
CA SER A 43 -14.73 6.37 3.75
C SER A 43 -15.85 6.42 4.78
N SER A 44 -17.00 6.93 4.36
CA SER A 44 -18.16 7.04 5.25
C SER A 44 -18.75 5.66 5.55
N GLY A 45 -18.90 4.85 4.50
CA GLY A 45 -19.46 3.52 4.66
C GLY A 45 -18.91 2.81 5.88
ZN ZN B . -2.00 -1.48 1.59
N GLY A 1 3.50 -19.99 -27.48
CA GLY A 1 2.41 -19.06 -27.22
C GLY A 1 1.49 -19.56 -26.13
N SER A 2 1.81 -19.21 -24.89
CA SER A 2 1.00 -19.62 -23.74
C SER A 2 -0.35 -18.91 -23.75
N SER A 3 -1.38 -19.60 -23.25
CA SER A 3 -2.72 -19.04 -23.21
C SER A 3 -2.86 -18.08 -22.03
N GLY A 4 -2.36 -18.50 -20.87
CA GLY A 4 -2.43 -17.68 -19.68
C GLY A 4 -1.20 -17.80 -18.80
N SER A 5 -0.38 -16.76 -18.78
CA SER A 5 0.84 -16.75 -17.99
C SER A 5 0.51 -16.63 -16.50
N SER A 6 1.48 -17.02 -15.67
CA SER A 6 1.29 -16.95 -14.21
C SER A 6 2.34 -16.06 -13.58
N GLY A 7 1.88 -15.05 -12.82
CA GLY A 7 2.80 -14.15 -12.17
C GLY A 7 2.39 -12.69 -12.35
N THR A 8 2.66 -11.87 -11.33
CA THR A 8 2.32 -10.46 -11.38
C THR A 8 3.57 -9.59 -11.26
N GLY A 9 4.68 -10.20 -10.85
CA GLY A 9 5.92 -9.47 -10.71
C GLY A 9 6.24 -9.13 -9.26
N GLN A 10 7.48 -8.73 -9.01
CA GLN A 10 7.91 -8.39 -7.66
C GLN A 10 8.47 -6.97 -7.61
N LYS A 11 8.11 -6.23 -6.58
CA LYS A 11 8.57 -4.86 -6.41
C LYS A 11 9.38 -4.71 -5.12
N PRO A 12 10.26 -3.69 -5.08
CA PRO A 12 11.10 -3.42 -3.92
C PRO A 12 10.30 -2.89 -2.73
N PHE A 13 9.02 -2.63 -2.95
CA PHE A 13 8.13 -2.13 -1.91
C PHE A 13 6.70 -2.57 -2.14
N GLU A 14 6.23 -3.52 -1.33
CA GLU A 14 4.88 -4.04 -1.45
C GLU A 14 4.12 -3.89 -0.13
N CYS A 15 2.82 -3.61 -0.22
CA CYS A 15 1.99 -3.44 0.95
C CYS A 15 1.41 -4.78 1.40
N THR A 16 2.26 -5.63 1.97
CA THR A 16 1.83 -6.95 2.44
C THR A 16 0.43 -6.89 3.03
N HIS A 17 0.06 -5.73 3.59
CA HIS A 17 -1.25 -5.54 4.18
C HIS A 17 -2.35 -5.95 3.20
N CYS A 18 -2.35 -5.31 2.02
CA CYS A 18 -3.34 -5.60 1.00
C CYS A 18 -2.69 -6.21 -0.24
N GLY A 19 -1.56 -5.65 -0.63
CA GLY A 19 -0.85 -6.15 -1.80
C GLY A 19 -0.49 -5.05 -2.78
N LYS A 20 -0.61 -3.80 -2.33
CA LYS A 20 -0.30 -2.65 -3.17
C LYS A 20 1.20 -2.49 -3.35
N SER A 21 1.67 -2.63 -4.59
CA SER A 21 3.09 -2.50 -4.89
C SER A 21 3.43 -1.06 -5.27
N PHE A 22 4.71 -0.71 -5.12
CA PHE A 22 5.18 0.63 -5.44
C PHE A 22 6.61 0.60 -5.96
N ARG A 23 7.07 1.73 -6.49
CA ARG A 23 8.41 1.84 -7.03
C ARG A 23 9.41 2.24 -5.94
N ALA A 24 9.03 3.25 -5.16
CA ALA A 24 9.89 3.73 -4.09
C ALA A 24 9.23 3.52 -2.72
N LYS A 25 10.05 3.36 -1.69
CA LYS A 25 9.55 3.15 -0.34
C LYS A 25 8.51 4.21 0.02
N GLY A 26 8.94 5.47 0.00
CA GLY A 26 8.04 6.57 0.33
C GLY A 26 6.65 6.36 -0.25
N ASN A 27 6.56 6.31 -1.57
CA ASN A 27 5.29 6.13 -2.25
C ASN A 27 4.42 5.12 -1.51
N LEU A 28 4.98 3.94 -1.25
CA LEU A 28 4.25 2.88 -0.55
C LEU A 28 3.91 3.32 0.87
N VAL A 29 4.90 3.85 1.58
CA VAL A 29 4.68 4.31 2.95
C VAL A 29 3.42 5.16 3.06
N THR A 30 3.31 6.15 2.18
CA THR A 30 2.15 7.04 2.17
C THR A 30 0.86 6.25 1.99
N HIS A 31 0.92 5.20 1.18
CA HIS A 31 -0.25 4.37 0.92
C HIS A 31 -0.68 3.63 2.19
N GLN A 32 0.27 2.99 2.86
CA GLN A 32 -0.02 2.26 4.08
C GLN A 32 -0.81 3.11 5.06
N ARG A 33 -0.51 4.40 5.08
CA ARG A 33 -1.19 5.34 5.97
C ARG A 33 -2.71 5.18 5.87
N ILE A 34 -3.16 4.61 4.76
CA ILE A 34 -4.59 4.40 4.54
C ILE A 34 -5.12 3.28 5.43
N HIS A 35 -4.29 2.28 5.68
CA HIS A 35 -4.68 1.16 6.53
C HIS A 35 -4.70 1.57 8.00
N THR A 36 -3.54 1.91 8.54
CA THR A 36 -3.43 2.31 9.93
C THR A 36 -3.97 3.71 10.14
N GLY A 37 -3.58 4.63 9.26
CA GLY A 37 -4.05 6.01 9.36
C GLY A 37 -4.06 6.51 10.79
N GLU A 38 -3.04 6.12 11.55
CA GLU A 38 -2.93 6.53 12.94
C GLU A 38 -1.72 7.45 13.15
N LYS A 39 -1.49 8.33 12.18
CA LYS A 39 -0.37 9.27 12.26
C LYS A 39 -0.67 10.40 13.23
N SER A 40 -1.78 11.09 13.01
CA SER A 40 -2.18 12.20 13.86
C SER A 40 -3.30 11.79 14.81
N GLY A 41 -3.24 12.28 16.05
CA GLY A 41 -4.26 11.95 17.02
C GLY A 41 -4.34 12.96 18.15
N PRO A 42 -3.30 13.00 19.00
CA PRO A 42 -3.25 13.92 20.13
C PRO A 42 -3.04 15.37 19.68
N SER A 43 -2.91 15.56 18.38
CA SER A 43 -2.71 16.90 17.82
C SER A 43 -3.97 17.75 17.98
N SER A 44 -3.90 18.73 18.89
CA SER A 44 -5.03 19.61 19.15
C SER A 44 -4.78 20.99 18.55
N GLY A 45 -5.87 21.68 18.21
CA GLY A 45 -5.76 23.01 17.64
C GLY A 45 -6.83 23.29 16.60
ZN ZN B . -2.17 -1.49 1.38
N GLY A 1 -4.45 -16.90 -0.27
CA GLY A 1 -4.28 -17.04 -1.71
C GLY A 1 -5.44 -17.76 -2.36
N SER A 2 -6.58 -17.09 -2.45
CA SER A 2 -7.77 -17.67 -3.05
C SER A 2 -7.95 -17.18 -4.48
N SER A 3 -8.12 -15.87 -4.65
CA SER A 3 -8.30 -15.28 -5.96
C SER A 3 -6.98 -14.72 -6.49
N GLY A 4 -6.36 -13.84 -5.71
CA GLY A 4 -5.10 -13.25 -6.12
C GLY A 4 -5.17 -11.74 -6.23
N SER A 5 -4.16 -11.13 -6.84
CA SER A 5 -4.11 -9.69 -7.00
C SER A 5 -3.85 -9.32 -8.46
N SER A 6 -4.27 -8.11 -8.84
CA SER A 6 -4.09 -7.64 -10.21
C SER A 6 -2.60 -7.47 -10.53
N GLY A 7 -2.12 -8.28 -11.47
CA GLY A 7 -0.72 -8.21 -11.85
C GLY A 7 0.12 -9.27 -11.17
N THR A 8 1.12 -9.78 -11.88
CA THR A 8 2.00 -10.81 -11.33
C THR A 8 3.47 -10.45 -11.55
N GLY A 9 4.23 -10.38 -10.46
CA GLY A 9 5.64 -10.05 -10.56
C GLY A 9 6.27 -9.85 -9.20
N GLN A 10 7.10 -8.81 -9.09
CA GLN A 10 7.78 -8.53 -7.83
C GLN A 10 8.23 -7.07 -7.78
N LYS A 11 8.04 -6.44 -6.63
CA LYS A 11 8.43 -5.04 -6.45
C LYS A 11 9.28 -4.87 -5.19
N PRO A 12 10.13 -3.83 -5.18
CA PRO A 12 11.01 -3.53 -4.04
C PRO A 12 10.23 -3.03 -2.84
N PHE A 13 8.97 -2.68 -3.05
CA PHE A 13 8.12 -2.19 -1.97
C PHE A 13 6.67 -2.63 -2.17
N GLU A 14 6.24 -3.58 -1.35
CA GLU A 14 4.87 -4.09 -1.43
C GLU A 14 4.14 -3.90 -0.10
N CYS A 15 2.86 -3.52 -0.18
CA CYS A 15 2.05 -3.30 1.01
C CYS A 15 1.46 -4.61 1.51
N THR A 16 2.30 -5.43 2.15
CA THR A 16 1.86 -6.72 2.68
C THR A 16 0.45 -6.62 3.26
N HIS A 17 0.09 -5.43 3.74
CA HIS A 17 -1.22 -5.20 4.32
C HIS A 17 -2.32 -5.61 3.35
N CYS A 18 -2.23 -5.13 2.12
CA CYS A 18 -3.21 -5.43 1.09
C CYS A 18 -2.55 -6.09 -0.12
N GLY A 19 -1.39 -5.56 -0.51
CA GLY A 19 -0.68 -6.10 -1.65
C GLY A 19 -0.31 -5.04 -2.67
N LYS A 20 -0.51 -3.78 -2.29
CA LYS A 20 -0.20 -2.66 -3.18
C LYS A 20 1.31 -2.51 -3.35
N SER A 21 1.78 -2.70 -4.59
CA SER A 21 3.21 -2.59 -4.88
C SER A 21 3.57 -1.17 -5.30
N PHE A 22 4.85 -0.85 -5.25
CA PHE A 22 5.33 0.48 -5.62
C PHE A 22 6.76 0.42 -6.15
N ARG A 23 7.27 1.56 -6.60
CA ARG A 23 8.63 1.63 -7.14
C ARG A 23 9.61 2.04 -6.05
N ALA A 24 9.23 3.04 -5.26
CA ALA A 24 10.10 3.53 -4.19
C ALA A 24 9.43 3.35 -2.82
N LYS A 25 10.23 3.37 -1.77
CA LYS A 25 9.71 3.21 -0.42
C LYS A 25 8.67 4.27 -0.10
N GLY A 26 9.07 5.54 -0.21
CA GLY A 26 8.14 6.62 0.07
C GLY A 26 6.77 6.39 -0.53
N ASN A 27 6.72 6.29 -1.86
CA ASN A 27 5.46 6.07 -2.55
C ASN A 27 4.57 5.11 -1.78
N LEU A 28 5.13 3.96 -1.41
CA LEU A 28 4.38 2.96 -0.65
C LEU A 28 4.02 3.47 0.73
N VAL A 29 5.03 3.98 1.45
CA VAL A 29 4.82 4.51 2.80
C VAL A 29 3.57 5.38 2.86
N THR A 30 3.45 6.29 1.88
CA THR A 30 2.31 7.19 1.83
C THR A 30 1.00 6.42 1.67
N HIS A 31 1.07 5.30 0.94
CA HIS A 31 -0.11 4.47 0.72
C HIS A 31 -0.54 3.78 2.01
N GLN A 32 0.42 3.17 2.70
CA GLN A 32 0.13 2.47 3.95
C GLN A 32 -0.66 3.36 4.91
N ARG A 33 -0.41 4.67 4.84
CA ARG A 33 -1.10 5.62 5.70
C ARG A 33 -2.61 5.44 5.61
N ILE A 34 -3.07 4.89 4.48
CA ILE A 34 -4.49 4.66 4.27
C ILE A 34 -5.03 3.57 5.20
N HIS A 35 -4.17 2.60 5.51
CA HIS A 35 -4.55 1.50 6.39
C HIS A 35 -4.59 1.97 7.85
N THR A 36 -3.49 2.57 8.31
CA THR A 36 -3.41 3.06 9.68
C THR A 36 -4.76 3.58 10.16
N GLY A 37 -5.05 3.36 11.44
CA GLY A 37 -6.31 3.82 12.01
C GLY A 37 -6.17 4.26 13.44
N GLU A 38 -5.51 5.40 13.65
CA GLU A 38 -5.30 5.93 15.00
C GLU A 38 -6.09 7.22 15.18
N LYS A 39 -7.35 7.22 14.76
CA LYS A 39 -8.21 8.38 14.90
C LYS A 39 -8.78 8.49 16.30
N SER A 40 -7.91 8.36 17.30
CA SER A 40 -8.34 8.44 18.69
C SER A 40 -8.28 9.88 19.21
N GLY A 41 -9.13 10.20 20.18
CA GLY A 41 -9.17 11.53 20.73
C GLY A 41 -10.49 12.24 20.48
N PRO A 42 -10.68 13.40 21.12
CA PRO A 42 -11.90 14.19 20.98
C PRO A 42 -12.01 14.82 19.60
N SER A 43 -12.99 14.37 18.82
CA SER A 43 -13.21 14.89 17.48
C SER A 43 -13.95 16.23 17.52
N SER A 44 -13.33 17.26 16.96
CA SER A 44 -13.94 18.59 16.94
C SER A 44 -13.49 19.37 15.70
N GLY A 45 -14.46 19.77 14.89
CA GLY A 45 -14.15 20.52 13.69
C GLY A 45 -15.02 20.09 12.51
ZN ZN B . -2.08 -1.29 1.40
N GLY A 1 -14.78 -5.91 -3.56
CA GLY A 1 -13.75 -6.79 -3.03
C GLY A 1 -12.58 -6.94 -3.98
N SER A 2 -12.49 -8.09 -4.64
CA SER A 2 -11.39 -8.35 -5.57
C SER A 2 -11.79 -7.95 -6.99
N SER A 3 -10.80 -7.59 -7.80
CA SER A 3 -11.04 -7.19 -9.17
C SER A 3 -10.66 -8.30 -10.15
N GLY A 4 -9.42 -8.79 -10.02
CA GLY A 4 -8.96 -9.85 -10.89
C GLY A 4 -8.04 -9.35 -11.98
N SER A 5 -6.74 -9.41 -11.74
CA SER A 5 -5.75 -8.94 -12.71
C SER A 5 -4.34 -9.35 -12.30
N SER A 6 -3.47 -9.55 -13.29
CA SER A 6 -2.10 -9.95 -13.03
C SER A 6 -1.12 -8.92 -13.59
N GLY A 7 -0.36 -8.29 -12.71
CA GLY A 7 0.61 -7.29 -13.14
C GLY A 7 2.03 -7.77 -13.02
N THR A 8 2.95 -6.85 -12.71
CA THR A 8 4.36 -7.19 -12.57
C THR A 8 4.54 -8.40 -11.67
N GLY A 9 5.79 -8.85 -11.53
CA GLY A 9 6.07 -10.01 -10.71
C GLY A 9 6.28 -9.64 -9.25
N GLN A 10 7.31 -8.83 -8.99
CA GLN A 10 7.61 -8.40 -7.63
C GLN A 10 8.16 -6.97 -7.62
N LYS A 11 8.00 -6.29 -6.49
CA LYS A 11 8.47 -4.92 -6.36
C LYS A 11 9.29 -4.75 -5.08
N PRO A 12 10.19 -3.76 -5.07
CA PRO A 12 11.05 -3.48 -3.91
C PRO A 12 10.26 -2.91 -2.73
N PHE A 13 9.00 -2.58 -2.98
CA PHE A 13 8.14 -2.03 -1.94
C PHE A 13 6.69 -2.46 -2.14
N GLU A 14 6.24 -3.38 -1.30
CA GLU A 14 4.88 -3.90 -1.39
C GLU A 14 4.12 -3.66 -0.08
N CYS A 15 2.81 -3.50 -0.18
CA CYS A 15 1.97 -3.26 0.99
C CYS A 15 1.39 -4.57 1.52
N THR A 16 2.23 -5.38 2.16
CA THR A 16 1.81 -6.66 2.70
C THR A 16 0.37 -6.58 3.23
N HIS A 17 0.04 -5.45 3.84
CA HIS A 17 -1.29 -5.25 4.40
C HIS A 17 -2.36 -5.68 3.40
N CYS A 18 -2.32 -5.12 2.20
CA CYS A 18 -3.29 -5.45 1.16
C CYS A 18 -2.61 -6.10 -0.04
N GLY A 19 -1.48 -5.52 -0.45
CA GLY A 19 -0.74 -6.06 -1.58
C GLY A 19 -0.35 -4.99 -2.58
N LYS A 20 -0.59 -3.73 -2.21
CA LYS A 20 -0.25 -2.61 -3.09
C LYS A 20 1.25 -2.50 -3.29
N SER A 21 1.69 -2.63 -4.54
CA SER A 21 3.11 -2.54 -4.87
C SER A 21 3.48 -1.13 -5.30
N PHE A 22 4.77 -0.83 -5.25
CA PHE A 22 5.27 0.50 -5.64
C PHE A 22 6.70 0.41 -6.16
N ARG A 23 7.18 1.50 -6.74
CA ARG A 23 8.54 1.55 -7.28
C ARG A 23 9.53 1.99 -6.20
N ALA A 24 9.16 3.02 -5.44
CA ALA A 24 10.03 3.53 -4.39
C ALA A 24 9.37 3.38 -3.02
N LYS A 25 10.18 3.35 -1.97
CA LYS A 25 9.67 3.22 -0.61
C LYS A 25 8.63 4.29 -0.31
N GLY A 26 9.07 5.54 -0.27
CA GLY A 26 8.15 6.64 0.00
C GLY A 26 6.78 6.41 -0.60
N ASN A 27 6.74 6.12 -1.90
CA ASN A 27 5.48 5.89 -2.59
C ASN A 27 4.59 4.93 -1.79
N LEU A 28 5.17 3.83 -1.34
CA LEU A 28 4.43 2.84 -0.56
C LEU A 28 4.13 3.36 0.84
N VAL A 29 5.15 3.90 1.50
CA VAL A 29 4.99 4.43 2.84
C VAL A 29 3.77 5.34 2.93
N THR A 30 3.61 6.21 1.94
CA THR A 30 2.48 7.13 1.90
C THR A 30 1.17 6.38 1.72
N HIS A 31 1.21 5.27 1.01
CA HIS A 31 0.02 4.46 0.77
C HIS A 31 -0.44 3.78 2.06
N GLN A 32 0.50 3.16 2.76
CA GLN A 32 0.19 2.47 4.01
C GLN A 32 -0.59 3.39 4.96
N ARG A 33 -0.33 4.68 4.87
CA ARG A 33 -1.01 5.65 5.72
C ARG A 33 -2.52 5.50 5.61
N ILE A 34 -2.97 4.92 4.51
CA ILE A 34 -4.40 4.72 4.28
C ILE A 34 -4.95 3.61 5.17
N HIS A 35 -4.09 2.66 5.51
CA HIS A 35 -4.48 1.53 6.36
C HIS A 35 -4.53 1.96 7.82
N THR A 36 -3.43 2.55 8.30
CA THR A 36 -3.35 2.99 9.69
C THR A 36 -4.69 3.51 10.18
N GLY A 37 -5.28 2.80 11.13
CA GLY A 37 -6.57 3.21 11.68
C GLY A 37 -6.43 4.25 12.77
N GLU A 38 -5.69 5.31 12.48
CA GLU A 38 -5.47 6.39 13.45
C GLU A 38 -6.74 7.22 13.61
N LYS A 39 -7.19 7.82 12.52
CA LYS A 39 -8.38 8.65 12.53
C LYS A 39 -9.64 7.80 12.39
N SER A 40 -9.65 6.65 13.05
CA SER A 40 -10.79 5.75 13.00
C SER A 40 -11.97 6.30 13.79
N GLY A 41 -13.15 5.76 13.54
CA GLY A 41 -14.34 6.21 14.24
C GLY A 41 -14.72 5.31 15.39
N PRO A 42 -15.27 5.91 16.46
CA PRO A 42 -15.68 5.17 17.66
C PRO A 42 -16.91 4.29 17.40
N SER A 43 -17.09 3.29 18.24
CA SER A 43 -18.21 2.38 18.11
C SER A 43 -19.52 3.06 18.51
N SER A 44 -19.48 3.79 19.62
CA SER A 44 -20.66 4.49 20.12
C SER A 44 -21.92 3.66 19.88
N GLY A 45 -21.83 2.36 20.15
CA GLY A 45 -22.97 1.48 19.97
C GLY A 45 -23.60 1.05 21.28
ZN ZN B . -2.28 -1.22 1.30
N GLY A 1 -14.64 -12.17 -14.11
CA GLY A 1 -14.58 -11.16 -13.07
C GLY A 1 -13.33 -10.30 -13.17
N SER A 2 -13.01 -9.60 -12.09
CA SER A 2 -11.84 -8.73 -12.06
C SER A 2 -10.84 -9.20 -10.99
N SER A 3 -9.55 -8.96 -11.26
CA SER A 3 -8.51 -9.35 -10.32
C SER A 3 -7.92 -8.13 -9.62
N GLY A 4 -8.32 -6.95 -10.07
CA GLY A 4 -7.83 -5.72 -9.47
C GLY A 4 -6.47 -5.31 -10.02
N SER A 5 -5.87 -4.31 -9.39
CA SER A 5 -4.56 -3.81 -9.82
C SER A 5 -3.45 -4.77 -9.39
N SER A 6 -3.01 -5.63 -10.31
CA SER A 6 -1.97 -6.59 -10.02
C SER A 6 -1.05 -6.78 -11.23
N GLY A 7 0.25 -6.57 -11.02
CA GLY A 7 1.21 -6.72 -12.10
C GLY A 7 2.04 -7.98 -11.95
N THR A 8 2.90 -8.22 -12.93
CA THR A 8 3.77 -9.40 -12.93
C THR A 8 5.04 -9.13 -12.13
N GLY A 9 5.63 -10.20 -11.60
CA GLY A 9 6.86 -10.06 -10.83
C GLY A 9 6.62 -9.40 -9.48
N GLN A 10 7.71 -9.10 -8.78
CA GLN A 10 7.61 -8.46 -7.47
C GLN A 10 8.37 -7.14 -7.44
N LYS A 11 7.86 -6.19 -6.68
CA LYS A 11 8.50 -4.88 -6.56
C LYS A 11 9.30 -4.77 -5.28
N PRO A 12 10.22 -3.80 -5.22
CA PRO A 12 11.07 -3.57 -4.06
C PRO A 12 10.29 -3.01 -2.87
N PHE A 13 9.02 -2.72 -3.10
CA PHE A 13 8.16 -2.18 -2.05
C PHE A 13 6.72 -2.65 -2.23
N GLU A 14 6.29 -3.58 -1.39
CA GLU A 14 4.93 -4.10 -1.46
C GLU A 14 4.19 -3.91 -0.13
N CYS A 15 2.91 -3.57 -0.22
CA CYS A 15 2.10 -3.35 0.98
C CYS A 15 1.46 -4.66 1.44
N THR A 16 2.26 -5.53 2.05
CA THR A 16 1.76 -6.81 2.54
C THR A 16 0.34 -6.69 3.07
N HIS A 17 0.07 -5.57 3.75
CA HIS A 17 -1.27 -5.34 4.31
C HIS A 17 -2.35 -5.75 3.31
N CYS A 18 -2.33 -5.14 2.14
CA CYS A 18 -3.32 -5.44 1.11
C CYS A 18 -2.65 -6.08 -0.11
N GLY A 19 -1.52 -5.52 -0.51
CA GLY A 19 -0.80 -6.06 -1.66
C GLY A 19 -0.43 -4.98 -2.66
N LYS A 20 -0.56 -3.72 -2.25
CA LYS A 20 -0.24 -2.60 -3.12
C LYS A 20 1.27 -2.47 -3.30
N SER A 21 1.73 -2.64 -4.53
CA SER A 21 3.16 -2.53 -4.82
C SER A 21 3.52 -1.12 -5.26
N PHE A 22 4.80 -0.78 -5.15
CA PHE A 22 5.28 0.54 -5.53
C PHE A 22 6.72 0.47 -6.04
N ARG A 23 7.16 1.55 -6.68
CA ARG A 23 8.52 1.61 -7.21
C ARG A 23 9.52 2.01 -6.13
N ALA A 24 9.18 3.06 -5.38
CA ALA A 24 10.04 3.53 -4.31
C ALA A 24 9.36 3.39 -2.95
N LYS A 25 10.16 3.35 -1.89
CA LYS A 25 9.64 3.21 -0.54
C LYS A 25 8.62 4.30 -0.24
N GLY A 26 9.07 5.54 -0.20
CA GLY A 26 8.18 6.65 0.07
C GLY A 26 6.80 6.45 -0.51
N ASN A 27 6.73 6.36 -1.83
CA ASN A 27 5.46 6.16 -2.52
C ASN A 27 4.58 5.16 -1.76
N LEU A 28 5.15 4.03 -1.40
CA LEU A 28 4.43 3.00 -0.66
C LEU A 28 4.09 3.47 0.75
N VAL A 29 5.10 3.97 1.45
CA VAL A 29 4.92 4.45 2.81
C VAL A 29 3.68 5.32 2.93
N THR A 30 3.51 6.23 1.96
CA THR A 30 2.36 7.13 1.96
C THR A 30 1.06 6.35 1.79
N HIS A 31 1.12 5.27 1.02
CA HIS A 31 -0.06 4.44 0.78
C HIS A 31 -0.52 3.75 2.07
N GLN A 32 0.44 3.16 2.78
CA GLN A 32 0.13 2.47 4.02
C GLN A 32 -0.67 3.36 4.96
N ARG A 33 -0.39 4.66 4.93
CA ARG A 33 -1.09 5.62 5.77
C ARG A 33 -2.60 5.45 5.65
N ILE A 34 -3.03 4.84 4.56
CA ILE A 34 -4.46 4.62 4.32
C ILE A 34 -5.00 3.52 5.25
N HIS A 35 -4.15 2.55 5.56
CA HIS A 35 -4.55 1.45 6.45
C HIS A 35 -4.57 1.91 7.90
N THR A 36 -3.47 2.52 8.35
CA THR A 36 -3.37 2.98 9.72
C THR A 36 -4.71 3.50 10.23
N GLY A 37 -5.02 3.20 11.49
CA GLY A 37 -6.27 3.64 12.07
C GLY A 37 -6.30 5.13 12.33
N GLU A 38 -6.10 5.52 13.59
CA GLU A 38 -6.11 6.92 13.96
C GLU A 38 -7.47 7.56 13.68
N LYS A 39 -8.53 6.83 13.98
CA LYS A 39 -9.89 7.32 13.76
C LYS A 39 -10.65 7.43 15.07
N SER A 40 -10.69 8.64 15.63
CA SER A 40 -11.38 8.88 16.88
C SER A 40 -12.73 8.17 16.91
N GLY A 41 -13.08 7.60 18.06
CA GLY A 41 -14.34 6.90 18.19
C GLY A 41 -14.31 5.53 17.53
N PRO A 42 -15.07 4.58 18.09
CA PRO A 42 -15.14 3.22 17.56
C PRO A 42 -15.88 3.16 16.23
N SER A 43 -15.47 2.25 15.36
CA SER A 43 -16.09 2.09 14.06
C SER A 43 -16.28 0.61 13.72
N SER A 44 -17.16 0.34 12.76
CA SER A 44 -17.45 -1.03 12.36
C SER A 44 -16.60 -1.43 11.15
N GLY A 45 -16.66 -0.61 10.10
CA GLY A 45 -15.90 -0.90 8.90
C GLY A 45 -14.41 -0.98 9.17
ZN ZN B . -2.06 -1.37 1.43
N GLY A 1 -6.26 -18.71 -16.78
CA GLY A 1 -6.99 -18.77 -18.03
C GLY A 1 -8.07 -17.72 -18.12
N SER A 2 -9.33 -18.16 -18.11
CA SER A 2 -10.46 -17.24 -18.19
C SER A 2 -10.24 -16.01 -17.31
N SER A 3 -10.00 -16.25 -16.02
CA SER A 3 -9.77 -15.18 -15.07
C SER A 3 -8.28 -15.02 -14.77
N GLY A 4 -7.62 -14.16 -15.55
CA GLY A 4 -6.19 -13.94 -15.35
C GLY A 4 -5.71 -12.66 -16.01
N SER A 5 -5.95 -11.53 -15.35
CA SER A 5 -5.54 -10.24 -15.89
C SER A 5 -4.08 -9.95 -15.58
N SER A 6 -3.72 -10.08 -14.30
CA SER A 6 -2.35 -9.84 -13.86
C SER A 6 -1.68 -11.13 -13.42
N GLY A 7 -0.37 -11.21 -13.62
CA GLY A 7 0.37 -12.40 -13.24
C GLY A 7 1.17 -12.21 -11.97
N THR A 8 2.36 -12.80 -11.93
CA THR A 8 3.23 -12.69 -10.77
C THR A 8 3.44 -11.23 -10.37
N GLY A 9 4.15 -11.01 -9.27
CA GLY A 9 4.41 -9.66 -8.81
C GLY A 9 5.65 -9.58 -7.94
N GLN A 10 6.64 -8.80 -8.39
CA GLN A 10 7.88 -8.64 -7.65
C GLN A 10 8.32 -7.18 -7.65
N LYS A 11 8.15 -6.52 -6.51
CA LYS A 11 8.53 -5.11 -6.37
C LYS A 11 9.35 -4.90 -5.10
N PRO A 12 10.21 -3.87 -5.12
CA PRO A 12 11.06 -3.53 -3.98
C PRO A 12 10.27 -2.98 -2.80
N PHE A 13 9.01 -2.66 -3.04
CA PHE A 13 8.13 -2.12 -2.00
C PHE A 13 6.70 -2.59 -2.19
N GLU A 14 6.28 -3.53 -1.36
CA GLU A 14 4.92 -4.08 -1.43
C GLU A 14 4.19 -3.90 -0.11
N CYS A 15 2.91 -3.53 -0.19
CA CYS A 15 2.11 -3.33 1.00
C CYS A 15 1.47 -4.64 1.46
N THR A 16 2.28 -5.51 2.04
CA THR A 16 1.80 -6.80 2.52
C THR A 16 0.38 -6.70 3.05
N HIS A 17 0.08 -5.60 3.73
CA HIS A 17 -1.25 -5.38 4.29
C HIS A 17 -2.33 -5.79 3.30
N CYS A 18 -2.34 -5.14 2.14
CA CYS A 18 -3.32 -5.43 1.10
C CYS A 18 -2.65 -6.08 -0.11
N GLY A 19 -1.50 -5.53 -0.51
CA GLY A 19 -0.79 -6.06 -1.65
C GLY A 19 -0.45 -4.99 -2.67
N LYS A 20 -0.51 -3.74 -2.25
CA LYS A 20 -0.20 -2.62 -3.14
C LYS A 20 1.31 -2.48 -3.33
N SER A 21 1.76 -2.66 -4.57
CA SER A 21 3.17 -2.56 -4.90
C SER A 21 3.53 -1.14 -5.35
N PHE A 22 4.81 -0.80 -5.24
CA PHE A 22 5.28 0.52 -5.64
C PHE A 22 6.71 0.45 -6.17
N ARG A 23 7.16 1.55 -6.77
CA ARG A 23 8.51 1.62 -7.32
C ARG A 23 9.52 2.01 -6.25
N ALA A 24 9.18 3.02 -5.46
CA ALA A 24 10.05 3.50 -4.39
C ALA A 24 9.41 3.30 -3.03
N LYS A 25 10.20 3.49 -1.98
CA LYS A 25 9.70 3.34 -0.61
C LYS A 25 8.65 4.39 -0.30
N GLY A 26 9.06 5.66 -0.25
CA GLY A 26 8.14 6.73 0.04
C GLY A 26 6.76 6.48 -0.53
N ASN A 27 6.68 6.37 -1.85
CA ASN A 27 5.40 6.13 -2.53
C ASN A 27 4.54 5.15 -1.74
N LEU A 28 5.14 4.00 -1.40
CA LEU A 28 4.43 2.98 -0.64
C LEU A 28 4.13 3.46 0.78
N VAL A 29 5.16 3.98 1.45
CA VAL A 29 4.99 4.48 2.81
C VAL A 29 3.76 5.36 2.94
N THR A 30 3.58 6.28 1.99
CA THR A 30 2.43 7.17 2.00
C THR A 30 1.13 6.40 1.83
N HIS A 31 1.18 5.32 1.07
CA HIS A 31 0.00 4.50 0.83
C HIS A 31 -0.46 3.82 2.11
N GLN A 32 0.49 3.22 2.83
CA GLN A 32 0.18 2.54 4.08
C GLN A 32 -0.64 3.44 5.00
N ARG A 33 -0.36 4.74 4.96
CA ARG A 33 -1.08 5.69 5.80
C ARG A 33 -2.59 5.51 5.67
N ILE A 34 -3.01 4.91 4.57
CA ILE A 34 -4.43 4.67 4.33
C ILE A 34 -4.97 3.59 5.26
N HIS A 35 -4.12 2.61 5.58
CA HIS A 35 -4.51 1.52 6.47
C HIS A 35 -4.55 1.99 7.92
N THR A 36 -3.47 2.63 8.36
CA THR A 36 -3.36 3.12 9.72
C THR A 36 -4.71 3.64 10.22
N GLY A 37 -5.30 2.93 11.17
CA GLY A 37 -6.59 3.32 11.71
C GLY A 37 -6.45 4.36 12.81
N GLU A 38 -5.55 5.32 12.61
CA GLU A 38 -5.32 6.37 13.59
C GLU A 38 -5.82 7.72 13.07
N LYS A 39 -7.03 8.09 13.47
CA LYS A 39 -7.62 9.35 13.05
C LYS A 39 -8.71 9.81 14.03
N SER A 40 -8.78 11.11 14.26
CA SER A 40 -9.78 11.66 15.16
C SER A 40 -10.70 12.64 14.44
N GLY A 41 -11.89 12.17 14.09
CA GLY A 41 -12.84 13.01 13.39
C GLY A 41 -14.26 12.48 13.48
N PRO A 42 -15.11 12.90 12.53
CA PRO A 42 -16.51 12.47 12.48
C PRO A 42 -16.66 10.99 12.09
N SER A 43 -15.54 10.38 11.71
CA SER A 43 -15.54 8.98 11.32
C SER A 43 -16.79 8.65 10.49
N SER A 44 -17.08 9.50 9.51
CA SER A 44 -18.25 9.30 8.67
C SER A 44 -18.11 8.02 7.85
N GLY A 45 -17.01 7.90 7.12
CA GLY A 45 -16.77 6.72 6.31
C GLY A 45 -15.33 6.59 5.86
ZN ZN B . -2.06 -1.36 1.40
N GLY A 1 19.22 -14.09 -31.49
CA GLY A 1 19.23 -13.93 -30.05
C GLY A 1 17.92 -13.42 -29.51
N SER A 2 16.86 -14.18 -29.71
CA SER A 2 15.53 -13.79 -29.24
C SER A 2 15.38 -14.06 -27.75
N SER A 3 15.43 -12.99 -26.95
CA SER A 3 15.30 -13.12 -25.50
C SER A 3 14.62 -11.88 -24.92
N GLY A 4 13.45 -12.10 -24.30
CA GLY A 4 12.72 -11.00 -23.71
C GLY A 4 12.75 -11.03 -22.19
N SER A 5 11.57 -10.90 -21.58
CA SER A 5 11.46 -10.91 -20.13
C SER A 5 10.04 -11.28 -19.69
N SER A 6 9.94 -12.17 -18.72
CA SER A 6 8.64 -12.62 -18.22
C SER A 6 7.67 -11.45 -18.14
N GLY A 7 8.09 -10.37 -17.48
CA GLY A 7 7.25 -9.20 -17.34
C GLY A 7 7.13 -8.74 -15.91
N THR A 8 5.94 -8.89 -15.34
CA THR A 8 5.69 -8.49 -13.96
C THR A 8 6.09 -9.59 -12.98
N GLY A 9 6.04 -9.27 -11.69
CA GLY A 9 6.39 -10.25 -10.68
C GLY A 9 6.38 -9.65 -9.28
N GLN A 10 7.56 -9.31 -8.77
CA GLN A 10 7.68 -8.73 -7.44
C GLN A 10 8.24 -7.32 -7.51
N LYS A 11 8.02 -6.54 -6.45
CA LYS A 11 8.50 -5.17 -6.38
C LYS A 11 9.33 -4.95 -5.12
N PRO A 12 10.17 -3.90 -5.15
CA PRO A 12 11.04 -3.55 -4.02
C PRO A 12 10.25 -3.01 -2.83
N PHE A 13 9.00 -2.64 -3.07
CA PHE A 13 8.14 -2.11 -2.03
C PHE A 13 6.69 -2.56 -2.22
N GLU A 14 6.25 -3.50 -1.40
CA GLU A 14 4.88 -4.00 -1.50
C GLU A 14 4.15 -3.85 -0.17
N CYS A 15 2.87 -3.49 -0.24
CA CYS A 15 2.06 -3.30 0.96
C CYS A 15 1.43 -4.61 1.40
N THR A 16 2.27 -5.50 1.96
CA THR A 16 1.80 -6.79 2.43
C THR A 16 0.38 -6.70 2.99
N HIS A 17 0.09 -5.60 3.67
CA HIS A 17 -1.22 -5.39 4.26
C HIS A 17 -2.32 -5.79 3.28
N CYS A 18 -2.35 -5.14 2.12
CA CYS A 18 -3.35 -5.44 1.10
C CYS A 18 -2.70 -6.08 -0.13
N GLY A 19 -1.57 -5.53 -0.55
CA GLY A 19 -0.87 -6.05 -1.71
C GLY A 19 -0.53 -4.98 -2.72
N LYS A 20 -0.55 -3.72 -2.28
CA LYS A 20 -0.26 -2.60 -3.15
C LYS A 20 1.25 -2.46 -3.35
N SER A 21 1.70 -2.65 -4.59
CA SER A 21 3.12 -2.54 -4.90
C SER A 21 3.49 -1.11 -5.30
N PHE A 22 4.78 -0.81 -5.26
CA PHE A 22 5.26 0.52 -5.61
C PHE A 22 6.69 0.46 -6.16
N ARG A 23 7.19 1.61 -6.61
CA ARG A 23 8.53 1.68 -7.17
C ARG A 23 9.55 2.04 -6.09
N ALA A 24 9.22 3.05 -5.31
CA ALA A 24 10.11 3.50 -4.23
C ALA A 24 9.47 3.26 -2.87
N LYS A 25 10.24 3.52 -1.81
CA LYS A 25 9.75 3.34 -0.45
C LYS A 25 8.71 4.39 -0.10
N GLY A 26 9.05 5.66 -0.31
CA GLY A 26 8.12 6.74 -0.02
C GLY A 26 6.75 6.49 -0.59
N ASN A 27 6.66 6.35 -1.91
CA ASN A 27 5.39 6.11 -2.58
C ASN A 27 4.53 5.14 -1.78
N LEU A 28 5.12 4.02 -1.41
CA LEU A 28 4.40 3.00 -0.64
C LEU A 28 4.06 3.52 0.75
N VAL A 29 5.06 4.05 1.46
CA VAL A 29 4.85 4.58 2.79
C VAL A 29 3.61 5.45 2.86
N THR A 30 3.48 6.36 1.89
CA THR A 30 2.33 7.25 1.83
C THR A 30 1.03 6.48 1.70
N HIS A 31 1.10 5.34 1.00
CA HIS A 31 -0.08 4.51 0.79
C HIS A 31 -0.50 3.82 2.09
N GLN A 32 0.48 3.23 2.78
CA GLN A 32 0.21 2.53 4.03
C GLN A 32 -0.59 3.42 4.99
N ARG A 33 -0.31 4.72 4.94
CA ARG A 33 -0.99 5.68 5.80
C ARG A 33 -2.51 5.49 5.72
N ILE A 34 -2.97 4.86 4.64
CA ILE A 34 -4.39 4.63 4.44
C ILE A 34 -4.90 3.54 5.38
N HIS A 35 -4.04 2.57 5.68
CA HIS A 35 -4.39 1.46 6.55
C HIS A 35 -4.44 1.93 8.01
N THR A 36 -3.35 2.54 8.46
CA THR A 36 -3.27 3.03 9.83
C THR A 36 -4.63 3.54 10.32
N GLY A 37 -5.18 2.87 11.32
CA GLY A 37 -6.46 3.29 11.85
C GLY A 37 -6.47 4.73 12.32
N GLU A 38 -6.11 4.94 13.58
CA GLU A 38 -6.07 6.28 14.15
C GLU A 38 -7.42 6.99 13.96
N LYS A 39 -8.50 6.25 14.17
CA LYS A 39 -9.84 6.80 14.04
C LYS A 39 -10.88 5.89 14.70
N SER A 40 -11.42 6.34 15.82
CA SER A 40 -12.43 5.57 16.54
C SER A 40 -13.83 6.07 16.23
N GLY A 41 -14.57 5.32 15.42
CA GLY A 41 -15.92 5.71 15.06
C GLY A 41 -15.97 6.49 13.76
N PRO A 42 -17.05 6.29 13.00
CA PRO A 42 -17.24 6.97 11.71
C PRO A 42 -17.52 8.46 11.87
N SER A 43 -16.84 9.27 11.08
CA SER A 43 -17.01 10.72 11.14
C SER A 43 -18.21 11.16 10.32
N SER A 44 -19.40 11.02 10.89
CA SER A 44 -20.63 11.40 10.22
C SER A 44 -20.56 11.07 8.73
N GLY A 45 -20.01 9.90 8.42
CA GLY A 45 -19.89 9.48 7.03
C GLY A 45 -21.23 9.34 6.35
ZN ZN B . -2.10 -1.35 1.39
N GLY A 1 -0.08 -16.11 -29.77
CA GLY A 1 0.13 -15.63 -28.42
C GLY A 1 -1.05 -15.90 -27.50
N SER A 2 -0.78 -16.07 -26.22
CA SER A 2 -1.82 -16.35 -25.24
C SER A 2 -1.64 -15.48 -24.00
N SER A 3 -0.41 -15.42 -23.50
CA SER A 3 -0.11 -14.63 -22.31
C SER A 3 -0.65 -13.21 -22.45
N GLY A 4 -0.67 -12.47 -21.33
CA GLY A 4 -1.15 -11.11 -21.35
C GLY A 4 -0.78 -10.34 -20.10
N SER A 5 -1.41 -10.70 -18.98
CA SER A 5 -1.14 -10.03 -17.71
C SER A 5 0.36 -9.98 -17.43
N SER A 6 0.98 -8.86 -17.75
CA SER A 6 2.41 -8.68 -17.54
C SER A 6 2.69 -7.42 -16.71
N GLY A 7 3.08 -7.63 -15.46
CA GLY A 7 3.37 -6.50 -14.59
C GLY A 7 3.58 -6.92 -13.15
N THR A 8 2.51 -7.40 -12.51
CA THR A 8 2.59 -7.84 -11.12
C THR A 8 3.45 -9.08 -10.98
N GLY A 9 4.29 -9.10 -9.95
CA GLY A 9 5.16 -10.24 -9.72
C GLY A 9 6.08 -10.05 -8.54
N GLN A 10 6.77 -8.91 -8.51
CA GLN A 10 7.69 -8.60 -7.42
C GLN A 10 8.16 -7.15 -7.49
N LYS A 11 8.22 -6.50 -6.34
CA LYS A 11 8.65 -5.11 -6.27
C LYS A 11 9.47 -4.85 -5.01
N PRO A 12 10.31 -3.81 -5.05
CA PRO A 12 11.16 -3.43 -3.91
C PRO A 12 10.36 -2.87 -2.75
N PHE A 13 9.06 -2.68 -2.96
CA PHE A 13 8.18 -2.14 -1.93
C PHE A 13 6.74 -2.60 -2.15
N GLU A 14 6.30 -3.55 -1.34
CA GLU A 14 4.94 -4.06 -1.44
C GLU A 14 4.17 -3.88 -0.13
N CYS A 15 2.89 -3.59 -0.24
CA CYS A 15 2.04 -3.39 0.94
C CYS A 15 1.39 -4.69 1.37
N THR A 16 2.20 -5.57 1.98
CA THR A 16 1.70 -6.86 2.46
C THR A 16 0.27 -6.74 2.98
N HIS A 17 -0.02 -5.63 3.66
CA HIS A 17 -1.34 -5.40 4.22
C HIS A 17 -2.42 -5.79 3.22
N CYS A 18 -2.42 -5.15 2.06
CA CYS A 18 -3.40 -5.43 1.02
C CYS A 18 -2.74 -6.06 -0.20
N GLY A 19 -1.58 -5.53 -0.59
CA GLY A 19 -0.86 -6.06 -1.74
C GLY A 19 -0.49 -4.99 -2.73
N LYS A 20 -0.57 -3.73 -2.30
CA LYS A 20 -0.24 -2.60 -3.16
C LYS A 20 1.28 -2.48 -3.33
N SER A 21 1.75 -2.62 -4.56
CA SER A 21 3.17 -2.54 -4.85
C SER A 21 3.55 -1.12 -5.29
N PHE A 22 4.83 -0.81 -5.21
CA PHE A 22 5.33 0.51 -5.60
C PHE A 22 6.76 0.43 -6.11
N ARG A 23 7.26 1.56 -6.62
CA ARG A 23 8.62 1.61 -7.15
C ARG A 23 9.61 2.09 -6.08
N ALA A 24 9.18 3.08 -5.31
CA ALA A 24 10.02 3.63 -4.25
C ALA A 24 9.39 3.42 -2.88
N LYS A 25 10.20 3.49 -1.83
CA LYS A 25 9.71 3.30 -0.47
C LYS A 25 8.67 4.37 -0.12
N GLY A 26 9.04 5.63 -0.28
CA GLY A 26 8.13 6.71 0.02
C GLY A 26 6.74 6.49 -0.56
N ASN A 27 6.67 6.32 -1.88
CA ASN A 27 5.40 6.10 -2.56
C ASN A 27 4.53 5.13 -1.76
N LEU A 28 5.11 3.98 -1.41
CA LEU A 28 4.38 2.97 -0.65
C LEU A 28 4.03 3.48 0.75
N VAL A 29 5.02 4.04 1.43
CA VAL A 29 4.82 4.57 2.78
C VAL A 29 3.56 5.44 2.84
N THR A 30 3.42 6.33 1.87
CA THR A 30 2.26 7.22 1.82
C THR A 30 0.97 6.43 1.65
N HIS A 31 1.05 5.31 0.94
CA HIS A 31 -0.12 4.46 0.71
C HIS A 31 -0.55 3.78 2.00
N GLN A 32 0.42 3.18 2.70
CA GLN A 32 0.14 2.48 3.96
C GLN A 32 -0.65 3.37 4.91
N ARG A 33 -0.42 4.68 4.83
CA ARG A 33 -1.10 5.64 5.69
C ARG A 33 -2.62 5.47 5.58
N ILE A 34 -3.06 4.82 4.51
CA ILE A 34 -4.48 4.60 4.28
C ILE A 34 -5.02 3.51 5.21
N HIS A 35 -4.16 2.54 5.52
CA HIS A 35 -4.53 1.44 6.39
C HIS A 35 -4.47 1.85 7.86
N THR A 36 -3.39 2.54 8.24
CA THR A 36 -3.21 3.00 9.60
C THR A 36 -4.52 3.48 10.20
N GLY A 37 -4.75 3.13 11.46
CA GLY A 37 -5.97 3.54 12.14
C GLY A 37 -5.74 4.66 13.13
N GLU A 38 -5.36 5.83 12.63
CA GLU A 38 -5.10 6.98 13.49
C GLU A 38 -5.93 8.18 13.05
N LYS A 39 -7.18 7.93 12.69
CA LYS A 39 -8.08 8.99 12.26
C LYS A 39 -9.47 8.79 12.83
N SER A 40 -10.23 9.88 12.94
CA SER A 40 -11.58 9.83 13.48
C SER A 40 -12.61 9.72 12.36
N GLY A 41 -13.71 9.02 12.64
CA GLY A 41 -14.76 8.86 11.65
C GLY A 41 -15.91 8.03 12.15
N PRO A 42 -17.13 8.36 11.70
CA PRO A 42 -18.35 7.65 12.10
C PRO A 42 -18.40 6.24 11.52
N SER A 43 -17.89 5.27 12.28
CA SER A 43 -17.88 3.88 11.85
C SER A 43 -19.21 3.20 12.16
N SER A 44 -19.98 2.91 11.11
CA SER A 44 -21.28 2.27 11.28
C SER A 44 -21.13 0.87 11.85
N GLY A 45 -20.24 0.08 11.26
CA GLY A 45 -20.01 -1.27 11.72
C GLY A 45 -19.62 -1.33 13.19
ZN ZN B . -2.15 -1.36 1.29
N GLY A 1 -11.53 -6.66 -7.29
CA GLY A 1 -10.62 -7.14 -8.30
C GLY A 1 -10.99 -8.53 -8.80
N SER A 2 -9.99 -9.31 -9.19
CA SER A 2 -10.21 -10.66 -9.69
C SER A 2 -9.57 -11.70 -8.76
N SER A 3 -9.92 -12.96 -8.97
CA SER A 3 -9.39 -14.04 -8.16
C SER A 3 -8.25 -14.75 -8.89
N GLY A 4 -7.12 -14.89 -8.20
CA GLY A 4 -5.97 -15.55 -8.80
C GLY A 4 -5.37 -14.76 -9.94
N SER A 5 -5.02 -13.50 -9.67
CA SER A 5 -4.43 -12.63 -10.69
C SER A 5 -3.15 -13.24 -11.25
N SER A 6 -3.03 -13.23 -12.57
CA SER A 6 -1.86 -13.78 -13.23
C SER A 6 -0.58 -13.31 -12.55
N GLY A 7 -0.47 -12.00 -12.35
CA GLY A 7 0.71 -11.45 -11.70
C GLY A 7 1.63 -10.76 -12.68
N THR A 8 2.45 -9.84 -12.18
CA THR A 8 3.39 -9.10 -13.02
C THR A 8 4.83 -9.33 -12.58
N GLY A 9 5.00 -9.69 -11.31
CA GLY A 9 6.33 -9.94 -10.79
C GLY A 9 6.46 -9.57 -9.33
N GLN A 10 7.38 -8.66 -9.02
CA GLN A 10 7.58 -8.23 -7.64
C GLN A 10 8.36 -6.91 -7.60
N LYS A 11 8.10 -6.11 -6.56
CA LYS A 11 8.77 -4.83 -6.40
C LYS A 11 9.48 -4.75 -5.06
N PRO A 12 10.43 -3.81 -4.94
CA PRO A 12 11.19 -3.60 -3.71
C PRO A 12 10.35 -3.04 -2.58
N PHE A 13 9.10 -2.71 -2.89
CA PHE A 13 8.18 -2.17 -1.89
C PHE A 13 6.76 -2.65 -2.14
N GLU A 14 6.29 -3.56 -1.28
CA GLU A 14 4.95 -4.10 -1.39
C GLU A 14 4.17 -3.92 -0.10
N CYS A 15 2.88 -3.62 -0.22
CA CYS A 15 2.03 -3.41 0.95
C CYS A 15 1.36 -4.72 1.36
N THR A 16 2.15 -5.63 1.93
CA THR A 16 1.63 -6.92 2.37
C THR A 16 0.23 -6.78 2.94
N HIS A 17 -0.03 -5.66 3.60
CA HIS A 17 -1.33 -5.40 4.20
C HIS A 17 -2.46 -5.77 3.24
N CYS A 18 -2.45 -5.15 2.05
CA CYS A 18 -3.46 -5.40 1.05
C CYS A 18 -2.84 -6.05 -0.19
N GLY A 19 -1.68 -5.56 -0.60
CA GLY A 19 -1.01 -6.09 -1.76
C GLY A 19 -0.59 -5.01 -2.74
N LYS A 20 -0.68 -3.76 -2.31
CA LYS A 20 -0.31 -2.63 -3.16
C LYS A 20 1.21 -2.54 -3.30
N SER A 21 1.69 -2.70 -4.53
CA SER A 21 3.13 -2.64 -4.80
C SER A 21 3.54 -1.23 -5.20
N PHE A 22 4.83 -0.94 -5.07
CA PHE A 22 5.36 0.38 -5.42
C PHE A 22 6.80 0.28 -5.90
N ARG A 23 7.28 1.33 -6.56
CA ARG A 23 8.64 1.36 -7.07
C ARG A 23 9.61 1.87 -6.00
N ALA A 24 9.21 2.92 -5.30
CA ALA A 24 10.04 3.50 -4.26
C ALA A 24 9.37 3.37 -2.89
N LYS A 25 10.18 3.47 -1.83
CA LYS A 25 9.67 3.36 -0.47
C LYS A 25 8.60 4.42 -0.21
N GLY A 26 9.00 5.68 -0.30
CA GLY A 26 8.06 6.77 -0.07
C GLY A 26 6.69 6.49 -0.65
N ASN A 27 6.63 6.34 -1.97
CA ASN A 27 5.37 6.07 -2.66
C ASN A 27 4.51 5.10 -1.85
N LEU A 28 5.12 4.01 -1.41
CA LEU A 28 4.41 2.99 -0.64
C LEU A 28 4.04 3.54 0.74
N VAL A 29 5.02 4.10 1.43
CA VAL A 29 4.80 4.66 2.76
C VAL A 29 3.53 5.51 2.80
N THR A 30 3.39 6.40 1.82
CA THR A 30 2.23 7.27 1.73
C THR A 30 0.94 6.45 1.60
N HIS A 31 1.03 5.32 0.92
CA HIS A 31 -0.13 4.45 0.73
C HIS A 31 -0.52 3.77 2.03
N GLN A 32 0.47 3.22 2.73
CA GLN A 32 0.21 2.54 4.00
C GLN A 32 -0.59 3.43 4.94
N ARG A 33 -0.39 4.74 4.83
CA ARG A 33 -1.09 5.69 5.68
C ARG A 33 -2.60 5.47 5.60
N ILE A 34 -3.06 4.86 4.52
CA ILE A 34 -4.48 4.59 4.33
C ILE A 34 -4.95 3.48 5.26
N HIS A 35 -4.05 2.56 5.58
CA HIS A 35 -4.38 1.45 6.46
C HIS A 35 -4.37 1.90 7.92
N THR A 36 -3.29 2.53 8.34
CA THR A 36 -3.16 3.01 9.71
C THR A 36 -4.50 3.50 10.25
N GLY A 37 -4.78 3.16 11.51
CA GLY A 37 -6.03 3.57 12.12
C GLY A 37 -5.87 4.77 13.01
N GLU A 38 -5.69 5.95 12.40
CA GLU A 38 -5.53 7.18 13.16
C GLU A 38 -5.98 8.39 12.34
N LYS A 39 -6.69 9.30 12.99
CA LYS A 39 -7.19 10.50 12.32
C LYS A 39 -6.70 11.76 13.02
N SER A 40 -5.52 12.24 12.60
CA SER A 40 -4.93 13.44 13.19
C SER A 40 -5.03 13.39 14.72
N GLY A 41 -4.80 12.21 15.28
CA GLY A 41 -4.87 12.05 16.73
C GLY A 41 -3.50 12.05 17.37
N PRO A 42 -3.41 11.48 18.58
CA PRO A 42 -2.15 11.39 19.33
C PRO A 42 -1.16 10.43 18.69
N SER A 43 0.01 10.30 19.31
CA SER A 43 1.04 9.40 18.80
C SER A 43 0.76 7.96 19.19
N SER A 44 0.98 7.04 18.26
CA SER A 44 0.74 5.62 18.52
C SER A 44 1.75 5.07 19.51
N GLY A 45 1.26 4.35 20.51
CA GLY A 45 2.12 3.78 21.52
C GLY A 45 3.36 3.15 20.93
ZN ZN B . -2.08 -1.38 1.36
N GLY A 1 -11.91 -6.09 -7.48
CA GLY A 1 -10.56 -6.41 -7.11
C GLY A 1 -10.06 -7.67 -7.79
N SER A 2 -9.94 -7.62 -9.11
CA SER A 2 -9.48 -8.76 -9.89
C SER A 2 -8.00 -9.04 -9.62
N SER A 3 -7.53 -10.19 -10.09
CA SER A 3 -6.13 -10.57 -9.91
C SER A 3 -5.51 -11.02 -11.23
N GLY A 4 -4.37 -10.43 -11.56
CA GLY A 4 -3.69 -10.79 -12.79
C GLY A 4 -3.13 -12.20 -12.77
N SER A 5 -3.04 -12.82 -13.94
CA SER A 5 -2.52 -14.19 -14.05
C SER A 5 -1.03 -14.17 -14.37
N SER A 6 -0.64 -13.32 -15.31
CA SER A 6 0.76 -13.22 -15.71
C SER A 6 1.21 -11.76 -15.74
N GLY A 7 2.47 -11.53 -15.37
CA GLY A 7 3.00 -10.19 -15.35
C GLY A 7 3.53 -9.79 -13.99
N THR A 8 2.71 -9.94 -12.96
CA THR A 8 3.11 -9.59 -11.61
C THR A 8 4.36 -10.37 -11.19
N GLY A 9 5.29 -9.69 -10.54
CA GLY A 9 6.52 -10.32 -10.09
C GLY A 9 6.82 -10.03 -8.64
N GLN A 10 7.72 -9.08 -8.40
CA GLN A 10 8.10 -8.72 -7.05
C GLN A 10 8.76 -7.34 -7.02
N LYS A 11 8.05 -6.36 -6.46
CA LYS A 11 8.56 -5.00 -6.37
C LYS A 11 9.38 -4.80 -5.09
N PRO A 12 10.23 -3.77 -5.09
CA PRO A 12 11.08 -3.46 -3.94
C PRO A 12 10.28 -2.93 -2.75
N PHE A 13 9.03 -2.56 -3.01
CA PHE A 13 8.17 -2.03 -1.96
C PHE A 13 6.72 -2.46 -2.19
N GLU A 14 6.25 -3.42 -1.40
CA GLU A 14 4.89 -3.92 -1.53
C GLU A 14 4.14 -3.76 -0.21
N CYS A 15 2.85 -3.48 -0.30
CA CYS A 15 2.01 -3.31 0.88
C CYS A 15 1.41 -4.64 1.33
N THR A 16 2.24 -5.48 1.95
CA THR A 16 1.80 -6.78 2.43
C THR A 16 0.41 -6.71 3.03
N HIS A 17 0.05 -5.52 3.55
CA HIS A 17 -1.26 -5.31 4.16
C HIS A 17 -2.37 -5.71 3.19
N CYS A 18 -2.40 -5.08 2.03
CA CYS A 18 -3.42 -5.36 1.02
C CYS A 18 -2.80 -6.02 -0.21
N GLY A 19 -1.65 -5.48 -0.64
CA GLY A 19 -0.97 -6.03 -1.80
C GLY A 19 -0.60 -4.96 -2.80
N LYS A 20 -0.69 -3.70 -2.38
CA LYS A 20 -0.35 -2.59 -3.25
C LYS A 20 1.16 -2.46 -3.42
N SER A 21 1.63 -2.65 -4.66
CA SER A 21 3.05 -2.57 -4.95
C SER A 21 3.44 -1.15 -5.38
N PHE A 22 4.72 -0.83 -5.27
CA PHE A 22 5.21 0.49 -5.64
C PHE A 22 6.64 0.40 -6.18
N ARG A 23 7.13 1.51 -6.72
CA ARG A 23 8.47 1.57 -7.27
C ARG A 23 9.49 1.95 -6.21
N ALA A 24 9.15 2.98 -5.42
CA ALA A 24 10.02 3.45 -4.37
C ALA A 24 9.39 3.25 -2.99
N LYS A 25 10.18 3.44 -1.94
CA LYS A 25 9.69 3.28 -0.57
C LYS A 25 8.63 4.33 -0.25
N GLY A 26 9.04 5.60 -0.27
CA GLY A 26 8.11 6.67 0.02
C GLY A 26 6.72 6.42 -0.55
N ASN A 27 6.65 6.34 -1.87
CA ASN A 27 5.38 6.11 -2.55
C ASN A 27 4.51 5.12 -1.76
N LEU A 28 5.09 3.97 -1.41
CA LEU A 28 4.38 2.95 -0.65
C LEU A 28 4.08 3.44 0.76
N VAL A 29 5.11 3.92 1.45
CA VAL A 29 4.96 4.42 2.81
C VAL A 29 3.73 5.32 2.94
N THR A 30 3.56 6.22 1.97
CA THR A 30 2.43 7.13 1.97
C THR A 30 1.11 6.38 1.80
N HIS A 31 1.16 5.30 1.03
CA HIS A 31 -0.03 4.49 0.79
C HIS A 31 -0.49 3.79 2.06
N GLN A 32 0.46 3.16 2.76
CA GLN A 32 0.16 2.45 4.00
C GLN A 32 -0.63 3.35 4.95
N ARG A 33 -0.35 4.65 4.91
CA ARG A 33 -1.02 5.60 5.78
C ARG A 33 -2.53 5.46 5.67
N ILE A 34 -3.00 4.87 4.57
CA ILE A 34 -4.41 4.67 4.34
C ILE A 34 -4.97 3.57 5.24
N HIS A 35 -4.14 2.58 5.56
CA HIS A 35 -4.54 1.48 6.42
C HIS A 35 -4.57 1.90 7.88
N THR A 36 -3.47 2.49 8.34
CA THR A 36 -3.37 2.94 9.72
C THR A 36 -4.69 3.50 10.22
N GLY A 37 -4.96 3.31 11.51
CA GLY A 37 -6.20 3.80 12.09
C GLY A 37 -6.02 4.32 13.50
N GLU A 38 -5.40 5.50 13.61
CA GLU A 38 -5.16 6.11 14.92
C GLU A 38 -6.14 7.25 15.17
N LYS A 39 -7.09 7.01 16.06
CA LYS A 39 -8.09 8.02 16.41
C LYS A 39 -8.41 8.90 15.19
N SER A 40 -8.53 8.26 14.03
CA SER A 40 -8.83 8.98 12.80
C SER A 40 -10.26 9.51 12.82
N GLY A 41 -11.22 8.59 12.90
CA GLY A 41 -12.62 8.99 12.93
C GLY A 41 -13.55 7.80 12.91
N PRO A 42 -14.75 7.96 13.50
CA PRO A 42 -15.76 6.90 13.57
C PRO A 42 -16.37 6.60 12.20
N SER A 43 -15.74 5.69 11.46
CA SER A 43 -16.23 5.31 10.14
C SER A 43 -16.44 3.81 10.04
N SER A 44 -16.98 3.23 11.11
CA SER A 44 -17.23 1.79 11.15
C SER A 44 -17.82 1.30 9.82
N GLY A 45 -18.98 1.86 9.46
CA GLY A 45 -19.62 1.47 8.22
C GLY A 45 -18.68 1.52 7.03
ZN ZN B . -2.12 -1.29 1.33
N GLY A 1 3.11 4.87 -16.65
CA GLY A 1 2.97 3.47 -16.33
C GLY A 1 2.08 2.74 -17.32
N SER A 2 1.80 1.47 -17.03
CA SER A 2 0.96 0.66 -17.91
C SER A 2 -0.52 0.79 -17.53
N SER A 3 -1.39 0.58 -18.50
CA SER A 3 -2.83 0.67 -18.27
C SER A 3 -3.28 -0.31 -17.20
N GLY A 4 -2.95 -1.58 -17.39
CA GLY A 4 -3.32 -2.60 -16.42
C GLY A 4 -2.58 -3.90 -16.65
N SER A 5 -2.25 -4.59 -15.56
CA SER A 5 -1.54 -5.86 -15.64
C SER A 5 -1.81 -6.72 -14.40
N SER A 6 -1.92 -8.03 -14.61
CA SER A 6 -2.19 -8.95 -13.52
C SER A 6 -0.92 -9.71 -13.13
N GLY A 7 0.20 -8.99 -13.09
CA GLY A 7 1.46 -9.61 -12.74
C GLY A 7 2.29 -8.75 -11.81
N THR A 8 2.91 -9.37 -10.81
CA THR A 8 3.74 -8.65 -9.85
C THR A 8 5.19 -9.12 -9.90
N GLY A 9 6.09 -8.23 -10.26
CA GLY A 9 7.50 -8.58 -10.34
C GLY A 9 8.22 -8.35 -9.02
N GLN A 10 7.73 -8.98 -7.96
CA GLN A 10 8.34 -8.84 -6.64
C GLN A 10 8.84 -7.42 -6.43
N LYS A 11 7.98 -6.44 -6.70
CA LYS A 11 8.32 -5.03 -6.54
C LYS A 11 9.17 -4.83 -5.29
N PRO A 12 10.07 -3.84 -5.34
CA PRO A 12 10.96 -3.52 -4.22
C PRO A 12 10.21 -2.90 -3.04
N PHE A 13 8.92 -2.63 -3.24
CA PHE A 13 8.09 -2.04 -2.21
C PHE A 13 6.63 -2.46 -2.37
N GLU A 14 6.18 -3.37 -1.52
CA GLU A 14 4.81 -3.85 -1.56
C GLU A 14 4.11 -3.67 -0.22
N CYS A 15 2.81 -3.41 -0.26
CA CYS A 15 2.03 -3.22 0.95
C CYS A 15 1.42 -4.53 1.43
N THR A 16 2.26 -5.39 1.99
CA THR A 16 1.79 -6.68 2.49
C THR A 16 0.38 -6.59 3.03
N HIS A 17 0.07 -5.50 3.71
CA HIS A 17 -1.25 -5.29 4.29
C HIS A 17 -2.34 -5.70 3.30
N CYS A 18 -2.34 -5.06 2.13
CA CYS A 18 -3.33 -5.35 1.09
C CYS A 18 -2.66 -5.99 -0.12
N GLY A 19 -1.53 -5.42 -0.54
CA GLY A 19 -0.82 -5.95 -1.68
C GLY A 19 -0.49 -4.87 -2.70
N LYS A 20 -0.59 -3.61 -2.28
CA LYS A 20 -0.29 -2.49 -3.16
C LYS A 20 1.21 -2.36 -3.39
N SER A 21 1.63 -2.53 -4.63
CA SER A 21 3.04 -2.44 -4.98
C SER A 21 3.40 -1.02 -5.41
N PHE A 22 4.70 -0.70 -5.36
CA PHE A 22 5.17 0.62 -5.73
C PHE A 22 6.58 0.55 -6.30
N ARG A 23 7.11 1.70 -6.73
CA ARG A 23 8.45 1.76 -7.29
C ARG A 23 9.47 2.15 -6.22
N ALA A 24 9.12 3.14 -5.41
CA ALA A 24 10.00 3.60 -4.35
C ALA A 24 9.38 3.39 -2.97
N LYS A 25 10.22 3.33 -1.95
CA LYS A 25 9.73 3.14 -0.59
C LYS A 25 8.70 4.19 -0.22
N GLY A 26 9.09 5.45 -0.30
CA GLY A 26 8.17 6.54 0.03
C GLY A 26 6.79 6.33 -0.55
N ASN A 27 6.72 6.12 -1.86
CA ASN A 27 5.45 5.90 -2.53
C ASN A 27 4.57 4.93 -1.74
N LEU A 28 5.14 3.78 -1.40
CA LEU A 28 4.40 2.77 -0.64
C LEU A 28 4.07 3.27 0.77
N VAL A 29 5.09 3.82 1.45
CA VAL A 29 4.91 4.33 2.79
C VAL A 29 3.68 5.23 2.88
N THR A 30 3.59 6.20 1.97
CA THR A 30 2.45 7.12 1.94
C THR A 30 1.14 6.37 1.80
N HIS A 31 1.17 5.28 1.04
CA HIS A 31 -0.03 4.47 0.82
C HIS A 31 -0.47 3.79 2.12
N GLN A 32 0.48 3.16 2.80
CA GLN A 32 0.19 2.47 4.05
C GLN A 32 -0.57 3.37 5.01
N ARG A 33 -0.26 4.67 4.96
CA ARG A 33 -0.93 5.64 5.83
C ARG A 33 -2.44 5.50 5.74
N ILE A 34 -2.92 4.87 4.67
CA ILE A 34 -4.35 4.68 4.47
C ILE A 34 -4.88 3.59 5.39
N HIS A 35 -4.05 2.59 5.69
CA HIS A 35 -4.45 1.50 6.56
C HIS A 35 -4.48 1.95 8.02
N THR A 36 -3.38 2.51 8.49
CA THR A 36 -3.28 2.99 9.86
C THR A 36 -4.62 3.55 10.34
N GLY A 37 -5.32 2.77 11.17
CA GLY A 37 -6.60 3.21 11.68
C GLY A 37 -6.54 4.59 12.30
N GLU A 38 -5.49 4.86 13.06
CA GLU A 38 -5.32 6.16 13.71
C GLU A 38 -5.74 7.29 12.78
N LYS A 39 -6.47 8.25 13.32
CA LYS A 39 -6.94 9.38 12.54
C LYS A 39 -6.03 10.59 12.75
N SER A 40 -5.64 11.23 11.64
CA SER A 40 -4.77 12.40 11.70
C SER A 40 -5.40 13.58 10.99
N GLY A 41 -5.44 14.73 11.66
CA GLY A 41 -6.03 15.92 11.07
C GLY A 41 -7.45 15.70 10.61
N PRO A 42 -8.14 16.80 10.29
CA PRO A 42 -9.54 16.75 9.82
C PRO A 42 -9.66 16.14 8.44
N SER A 43 -10.89 15.79 8.06
CA SER A 43 -11.15 15.19 6.75
C SER A 43 -10.93 16.21 5.63
N SER A 44 -11.51 17.39 5.79
CA SER A 44 -11.38 18.44 4.79
C SER A 44 -12.02 18.02 3.47
N GLY A 45 -13.20 17.43 3.56
CA GLY A 45 -13.91 16.98 2.37
C GLY A 45 -14.74 15.74 2.61
ZN ZN B . -2.10 -1.28 1.48
N GLY A 1 -2.74 4.47 -21.41
CA GLY A 1 -3.38 3.63 -22.40
C GLY A 1 -2.92 2.19 -22.32
N SER A 2 -3.01 1.60 -21.13
CA SER A 2 -2.60 0.22 -20.92
C SER A 2 -3.73 -0.75 -21.26
N SER A 3 -3.59 -1.44 -22.39
CA SER A 3 -4.60 -2.39 -22.83
C SER A 3 -4.66 -3.59 -21.89
N GLY A 4 -3.50 -4.15 -21.59
CA GLY A 4 -3.44 -5.30 -20.71
C GLY A 4 -3.88 -4.97 -19.30
N SER A 5 -4.11 -6.00 -18.48
CA SER A 5 -4.55 -5.81 -17.11
C SER A 5 -3.38 -5.39 -16.23
N SER A 6 -3.69 -4.92 -15.02
CA SER A 6 -2.67 -4.49 -14.08
C SER A 6 -1.49 -5.46 -14.07
N GLY A 7 -0.27 -4.91 -14.07
CA GLY A 7 0.91 -5.74 -14.05
C GLY A 7 1.01 -6.58 -12.79
N THR A 8 1.36 -7.86 -12.95
CA THR A 8 1.49 -8.77 -11.82
C THR A 8 2.92 -9.20 -11.63
N GLY A 9 3.59 -8.63 -10.63
CA GLY A 9 4.97 -8.97 -10.36
C GLY A 9 5.43 -8.50 -8.99
N GLN A 10 6.69 -8.76 -8.66
CA GLN A 10 7.25 -8.37 -7.38
C GLN A 10 7.88 -6.98 -7.46
N LYS A 11 8.09 -6.36 -6.31
CA LYS A 11 8.68 -5.04 -6.25
C LYS A 11 9.45 -4.84 -4.94
N PRO A 12 10.35 -3.84 -4.92
CA PRO A 12 11.17 -3.53 -3.75
C PRO A 12 10.34 -2.94 -2.61
N PHE A 13 9.07 -2.66 -2.89
CA PHE A 13 8.18 -2.10 -1.88
C PHE A 13 6.74 -2.57 -2.10
N GLU A 14 6.29 -3.47 -1.25
CA GLU A 14 4.93 -4.01 -1.34
C GLU A 14 4.16 -3.80 -0.05
N CYS A 15 2.87 -3.52 -0.17
CA CYS A 15 2.02 -3.29 1.00
C CYS A 15 1.38 -4.59 1.47
N THR A 16 2.18 -5.46 2.07
CA THR A 16 1.70 -6.75 2.55
C THR A 16 0.27 -6.63 3.06
N HIS A 17 -0.03 -5.51 3.72
CA HIS A 17 -1.37 -5.28 4.26
C HIS A 17 -2.44 -5.70 3.25
N CYS A 18 -2.44 -5.06 2.08
CA CYS A 18 -3.40 -5.37 1.04
C CYS A 18 -2.72 -6.03 -0.15
N GLY A 19 -1.57 -5.50 -0.55
CA GLY A 19 -0.84 -6.05 -1.68
C GLY A 19 -0.46 -4.99 -2.70
N LYS A 20 -0.52 -3.73 -2.28
CA LYS A 20 -0.18 -2.62 -3.17
C LYS A 20 1.34 -2.50 -3.33
N SER A 21 1.82 -2.67 -4.56
CA SER A 21 3.24 -2.57 -4.84
C SER A 21 3.61 -1.17 -5.29
N PHE A 22 4.89 -0.83 -5.15
CA PHE A 22 5.39 0.49 -5.53
C PHE A 22 6.83 0.42 -6.01
N ARG A 23 7.28 1.48 -6.68
CA ARG A 23 8.65 1.53 -7.18
C ARG A 23 9.62 1.97 -6.09
N ALA A 24 9.26 3.03 -5.37
CA ALA A 24 10.09 3.54 -4.30
C ALA A 24 9.38 3.45 -2.95
N LYS A 25 10.16 3.37 -1.88
CA LYS A 25 9.60 3.28 -0.54
C LYS A 25 8.57 4.36 -0.30
N GLY A 26 9.02 5.62 -0.29
CA GLY A 26 8.10 6.73 -0.07
C GLY A 26 6.74 6.48 -0.67
N ASN A 27 6.68 6.34 -1.99
CA ASN A 27 5.43 6.10 -2.69
C ASN A 27 4.55 5.14 -1.89
N LEU A 28 5.12 4.01 -1.49
CA LEU A 28 4.39 3.00 -0.73
C LEU A 28 4.05 3.52 0.67
N VAL A 29 5.06 4.01 1.37
CA VAL A 29 4.87 4.54 2.71
C VAL A 29 3.63 5.42 2.78
N THR A 30 3.48 6.31 1.82
CA THR A 30 2.33 7.22 1.76
C THR A 30 1.03 6.44 1.61
N HIS A 31 1.09 5.32 0.89
CA HIS A 31 -0.08 4.50 0.67
C HIS A 31 -0.51 3.80 1.95
N GLN A 32 0.45 3.20 2.65
CA GLN A 32 0.17 2.50 3.89
C GLN A 32 -0.61 3.39 4.86
N ARG A 33 -0.35 4.68 4.79
CA ARG A 33 -1.03 5.64 5.66
C ARG A 33 -2.54 5.48 5.56
N ILE A 34 -3.00 4.82 4.50
CA ILE A 34 -4.42 4.61 4.29
C ILE A 34 -4.95 3.52 5.22
N HIS A 35 -4.09 2.56 5.55
CA HIS A 35 -4.47 1.46 6.43
C HIS A 35 -4.45 1.90 7.89
N THR A 36 -3.34 2.51 8.30
CA THR A 36 -3.18 2.98 9.67
C THR A 36 -4.50 3.50 10.23
N GLY A 37 -4.97 2.88 11.31
CA GLY A 37 -6.22 3.30 11.92
C GLY A 37 -6.06 3.69 13.37
N GLU A 38 -5.14 4.61 13.63
CA GLU A 38 -4.88 5.07 14.99
C GLU A 38 -5.11 6.58 15.10
N LYS A 39 -5.83 6.97 16.14
CA LYS A 39 -6.12 8.39 16.37
C LYS A 39 -6.40 8.66 17.84
N SER A 40 -5.97 9.81 18.32
CA SER A 40 -6.18 10.18 19.72
C SER A 40 -6.62 11.64 19.83
N GLY A 41 -7.32 11.96 20.92
CA GLY A 41 -7.79 13.31 21.13
C GLY A 41 -9.15 13.56 20.49
N PRO A 42 -9.44 14.84 20.22
CA PRO A 42 -10.72 15.24 19.59
C PRO A 42 -10.81 14.79 18.14
N SER A 43 -12.00 14.95 17.55
CA SER A 43 -12.22 14.58 16.17
C SER A 43 -12.12 15.79 15.24
N SER A 44 -11.35 15.65 14.17
CA SER A 44 -11.17 16.73 13.21
C SER A 44 -11.53 16.27 11.80
N GLY A 45 -12.18 17.14 11.05
CA GLY A 45 -12.57 16.82 9.70
C GLY A 45 -13.39 15.54 9.62
ZN ZN B . -2.17 -1.27 1.33
N GLY A 1 0.02 -22.96 3.43
CA GLY A 1 0.13 -21.68 2.75
C GLY A 1 1.01 -21.76 1.52
N SER A 2 1.23 -20.62 0.88
CA SER A 2 2.06 -20.55 -0.32
C SER A 2 2.83 -19.24 -0.37
N SER A 3 4.16 -19.35 -0.35
CA SER A 3 5.02 -18.18 -0.40
C SER A 3 5.81 -18.12 -1.70
N GLY A 4 5.29 -17.38 -2.67
CA GLY A 4 5.97 -17.27 -3.95
C GLY A 4 5.01 -17.38 -5.12
N SER A 5 3.91 -16.65 -5.04
CA SER A 5 2.90 -16.67 -6.11
C SER A 5 3.54 -16.39 -7.46
N SER A 6 2.93 -16.93 -8.52
CA SER A 6 3.44 -16.75 -9.87
C SER A 6 3.32 -15.29 -10.30
N GLY A 7 3.94 -14.97 -11.43
CA GLY A 7 3.89 -13.60 -11.94
C GLY A 7 5.08 -13.27 -12.82
N THR A 8 5.55 -12.03 -12.73
CA THR A 8 6.68 -11.59 -13.53
C THR A 8 7.80 -11.06 -12.64
N GLY A 9 7.46 -10.69 -11.41
CA GLY A 9 8.44 -10.16 -10.48
C GLY A 9 7.86 -9.17 -9.51
N GLN A 10 8.12 -9.37 -8.22
CA GLN A 10 7.61 -8.48 -7.18
C GLN A 10 8.39 -7.17 -7.15
N LYS A 11 7.80 -6.14 -6.59
CA LYS A 11 8.45 -4.84 -6.48
C LYS A 11 9.24 -4.72 -5.18
N PRO A 12 10.17 -3.77 -5.14
CA PRO A 12 11.02 -3.54 -3.97
C PRO A 12 10.24 -2.96 -2.79
N PHE A 13 8.97 -2.64 -3.04
CA PHE A 13 8.11 -2.08 -1.99
C PHE A 13 6.66 -2.51 -2.19
N GLU A 14 6.22 -3.44 -1.36
CA GLU A 14 4.85 -3.95 -1.44
C GLU A 14 4.12 -3.76 -0.12
N CYS A 15 2.82 -3.49 -0.21
CA CYS A 15 2.00 -3.28 0.98
C CYS A 15 1.38 -4.59 1.46
N THR A 16 2.18 -5.38 2.17
CA THR A 16 1.72 -6.66 2.69
C THR A 16 0.26 -6.58 3.13
N HIS A 17 -0.10 -5.48 3.77
CA HIS A 17 -1.47 -5.28 4.24
C HIS A 17 -2.48 -5.75 3.19
N CYS A 18 -2.49 -5.09 2.04
CA CYS A 18 -3.40 -5.43 0.97
C CYS A 18 -2.65 -6.07 -0.21
N GLY A 19 -1.52 -5.47 -0.55
CA GLY A 19 -0.72 -5.99 -1.65
C GLY A 19 -0.35 -4.92 -2.66
N LYS A 20 -0.55 -3.66 -2.27
CA LYS A 20 -0.24 -2.54 -3.16
C LYS A 20 1.27 -2.39 -3.35
N SER A 21 1.73 -2.59 -4.58
CA SER A 21 3.14 -2.49 -4.90
C SER A 21 3.51 -1.07 -5.32
N PHE A 22 4.79 -0.76 -5.28
CA PHE A 22 5.28 0.57 -5.65
C PHE A 22 6.70 0.51 -6.19
N ARG A 23 7.17 1.62 -6.75
CA ARG A 23 8.52 1.68 -7.31
C ARG A 23 9.53 2.08 -6.24
N ALA A 24 9.16 3.06 -5.42
CA ALA A 24 10.03 3.54 -4.36
C ALA A 24 9.36 3.41 -3.00
N LYS A 25 10.17 3.27 -1.95
CA LYS A 25 9.65 3.15 -0.60
C LYS A 25 8.62 4.24 -0.31
N GLY A 26 9.09 5.49 -0.26
CA GLY A 26 8.19 6.60 0.01
C GLY A 26 6.81 6.38 -0.57
N ASN A 27 6.72 6.36 -1.90
CA ASN A 27 5.45 6.17 -2.58
C ASN A 27 4.57 5.19 -1.82
N LEU A 28 5.14 4.04 -1.47
CA LEU A 28 4.41 3.02 -0.74
C LEU A 28 4.11 3.48 0.69
N VAL A 29 5.14 3.92 1.40
CA VAL A 29 4.98 4.39 2.77
C VAL A 29 3.74 5.27 2.90
N THR A 30 3.56 6.18 1.95
CA THR A 30 2.42 7.09 1.96
C THR A 30 1.11 6.32 1.79
N HIS A 31 1.15 5.25 1.02
CA HIS A 31 -0.03 4.43 0.78
C HIS A 31 -0.48 3.73 2.06
N GLN A 32 0.48 3.11 2.75
CA GLN A 32 0.19 2.40 3.99
C GLN A 32 -0.61 3.28 4.94
N ARG A 33 -0.34 4.58 4.91
CA ARG A 33 -1.03 5.53 5.77
C ARG A 33 -2.54 5.37 5.66
N ILE A 34 -2.98 4.73 4.58
CA ILE A 34 -4.41 4.51 4.36
C ILE A 34 -4.94 3.41 5.26
N HIS A 35 -4.08 2.44 5.58
CA HIS A 35 -4.47 1.33 6.44
C HIS A 35 -4.52 1.77 7.90
N THR A 36 -3.44 2.39 8.37
CA THR A 36 -3.35 2.85 9.75
C THR A 36 -4.70 3.36 10.24
N GLY A 37 -4.98 3.14 11.52
CA GLY A 37 -6.24 3.59 12.09
C GLY A 37 -6.18 5.03 12.56
N GLU A 38 -6.10 5.95 11.61
CA GLU A 38 -6.03 7.37 11.93
C GLU A 38 -7.26 8.10 11.40
N LYS A 39 -7.60 7.83 10.14
CA LYS A 39 -8.75 8.47 9.50
C LYS A 39 -9.95 7.53 9.48
N SER A 40 -9.78 6.37 8.84
CA SER A 40 -10.83 5.38 8.74
C SER A 40 -10.83 4.45 9.95
N GLY A 41 -11.63 4.78 10.95
CA GLY A 41 -11.70 3.96 12.15
C GLY A 41 -10.54 4.22 13.09
N PRO A 42 -10.43 5.45 13.60
CA PRO A 42 -9.35 5.85 14.51
C PRO A 42 -9.49 5.19 15.88
N SER A 43 -8.39 5.14 16.63
CA SER A 43 -8.39 4.54 17.95
C SER A 43 -8.59 5.60 19.03
N SER A 44 -8.98 5.16 20.22
CA SER A 44 -9.21 6.08 21.34
C SER A 44 -8.15 7.17 21.36
N GLY A 45 -6.89 6.77 21.46
CA GLY A 45 -5.80 7.73 21.49
C GLY A 45 -4.58 7.26 20.72
ZN ZN B . -2.23 -1.37 1.24
N GLY A 1 -4.63 6.11 -24.74
CA GLY A 1 -4.84 4.82 -24.11
C GLY A 1 -4.85 4.89 -22.59
N SER A 2 -6.03 4.78 -22.00
CA SER A 2 -6.17 4.86 -20.56
C SER A 2 -5.04 4.10 -19.87
N SER A 3 -4.34 4.79 -18.97
CA SER A 3 -3.23 4.18 -18.25
C SER A 3 -3.74 3.17 -17.22
N GLY A 4 -3.00 2.09 -17.05
CA GLY A 4 -3.39 1.06 -16.10
C GLY A 4 -2.83 -0.30 -16.45
N SER A 5 -1.65 -0.61 -15.92
CA SER A 5 -1.00 -1.89 -16.19
C SER A 5 -0.69 -2.62 -14.89
N SER A 6 -1.32 -3.77 -14.70
CA SER A 6 -1.11 -4.57 -13.50
C SER A 6 0.37 -4.76 -13.23
N GLY A 7 0.70 -5.16 -12.00
CA GLY A 7 2.08 -5.37 -11.63
C GLY A 7 2.32 -6.75 -11.04
N THR A 8 2.03 -7.79 -11.83
CA THR A 8 2.21 -9.16 -11.38
C THR A 8 3.63 -9.40 -10.88
N GLY A 9 4.60 -8.75 -11.53
CA GLY A 9 5.98 -8.90 -11.15
C GLY A 9 6.24 -8.43 -9.72
N GLN A 10 7.39 -8.85 -9.17
CA GLN A 10 7.74 -8.46 -7.81
C GLN A 10 8.26 -7.03 -7.76
N LYS A 11 7.93 -6.32 -6.69
CA LYS A 11 8.37 -4.94 -6.52
C LYS A 11 9.22 -4.79 -5.27
N PRO A 12 10.09 -3.77 -5.26
CA PRO A 12 10.98 -3.49 -4.13
C PRO A 12 10.21 -2.98 -2.90
N PHE A 13 8.94 -2.66 -3.10
CA PHE A 13 8.10 -2.16 -2.02
C PHE A 13 6.66 -2.60 -2.20
N GLU A 14 6.23 -3.56 -1.39
CA GLU A 14 4.87 -4.08 -1.45
C GLU A 14 4.15 -3.92 -0.11
N CYS A 15 2.87 -3.58 -0.16
CA CYS A 15 2.07 -3.40 1.03
C CYS A 15 1.45 -4.71 1.49
N THR A 16 2.29 -5.61 2.00
CA THR A 16 1.83 -6.91 2.47
C THR A 16 0.44 -6.82 3.08
N HIS A 17 0.15 -5.68 3.71
CA HIS A 17 -1.15 -5.47 4.33
C HIS A 17 -2.28 -5.84 3.37
N CYS A 18 -2.25 -5.25 2.18
CA CYS A 18 -3.28 -5.52 1.17
C CYS A 18 -2.66 -6.14 -0.07
N GLY A 19 -1.51 -5.61 -0.48
CA GLY A 19 -0.83 -6.12 -1.66
C GLY A 19 -0.51 -5.04 -2.67
N LYS A 20 -0.54 -3.79 -2.21
CA LYS A 20 -0.24 -2.66 -3.08
C LYS A 20 1.27 -2.50 -3.28
N SER A 21 1.71 -2.67 -4.52
CA SER A 21 3.12 -2.55 -4.85
C SER A 21 3.48 -1.12 -5.23
N PHE A 22 4.77 -0.81 -5.21
CA PHE A 22 5.25 0.52 -5.55
C PHE A 22 6.66 0.48 -6.11
N ARG A 23 7.17 1.62 -6.55
CA ARG A 23 8.51 1.71 -7.11
C ARG A 23 9.52 2.13 -6.05
N ALA A 24 9.15 3.13 -5.24
CA ALA A 24 10.01 3.63 -4.19
C ALA A 24 9.37 3.43 -2.82
N LYS A 25 10.21 3.40 -1.78
CA LYS A 25 9.73 3.22 -0.42
C LYS A 25 8.67 4.27 -0.07
N GLY A 26 9.05 5.54 -0.26
CA GLY A 26 8.13 6.62 0.05
C GLY A 26 6.74 6.39 -0.52
N ASN A 27 6.64 6.30 -1.84
CA ASN A 27 5.37 6.07 -2.51
C ASN A 27 4.51 5.10 -1.70
N LEU A 28 5.10 3.96 -1.32
CA LEU A 28 4.39 2.95 -0.56
C LEU A 28 4.05 3.46 0.84
N VAL A 29 5.06 4.01 1.53
CA VAL A 29 4.87 4.53 2.87
C VAL A 29 3.61 5.40 2.95
N THR A 30 3.46 6.30 2.00
CA THR A 30 2.30 7.19 1.96
C THR A 30 1.01 6.40 1.83
N HIS A 31 1.08 5.27 1.13
CA HIS A 31 -0.09 4.42 0.93
C HIS A 31 -0.48 3.72 2.22
N GLN A 32 0.50 3.15 2.90
CA GLN A 32 0.27 2.45 4.15
C GLN A 32 -0.53 3.32 5.12
N ARG A 33 -0.28 4.62 5.07
CA ARG A 33 -0.97 5.57 5.95
C ARG A 33 -2.48 5.36 5.88
N ILE A 34 -2.95 4.73 4.81
CA ILE A 34 -4.36 4.46 4.63
C ILE A 34 -4.85 3.35 5.55
N HIS A 35 -3.96 2.41 5.85
CA HIS A 35 -4.28 1.30 6.73
C HIS A 35 -4.32 1.74 8.19
N THR A 36 -3.26 2.41 8.62
CA THR A 36 -3.17 2.90 9.99
C THR A 36 -4.52 3.37 10.51
N GLY A 37 -5.22 4.14 9.69
CA GLY A 37 -6.53 4.64 10.07
C GLY A 37 -6.54 5.21 11.49
N GLU A 38 -5.97 6.40 11.64
CA GLU A 38 -5.91 7.04 12.95
C GLU A 38 -6.63 8.40 12.92
N LYS A 39 -6.37 9.16 11.87
CA LYS A 39 -6.99 10.48 11.71
C LYS A 39 -8.44 10.35 11.24
N SER A 40 -9.31 11.17 11.81
CA SER A 40 -10.73 11.15 11.45
C SER A 40 -10.90 10.95 9.95
N GLY A 41 -11.58 9.87 9.57
CA GLY A 41 -11.80 9.59 8.16
C GLY A 41 -12.34 10.78 7.41
N PRO A 42 -12.58 10.61 6.11
CA PRO A 42 -13.11 11.67 5.24
C PRO A 42 -14.56 12.01 5.56
N SER A 43 -15.28 11.05 6.15
CA SER A 43 -16.68 11.24 6.49
C SER A 43 -17.41 11.99 5.39
N SER A 44 -17.16 11.60 4.15
CA SER A 44 -17.80 12.23 2.99
C SER A 44 -19.26 11.81 2.89
N GLY A 45 -19.49 10.52 2.68
CA GLY A 45 -20.84 10.01 2.56
C GLY A 45 -21.41 10.21 1.17
ZN ZN B . -2.05 -1.42 1.57
N GLY A 1 -5.88 -16.68 -0.51
CA GLY A 1 -5.48 -18.06 -0.66
C GLY A 1 -4.71 -18.31 -1.95
N SER A 2 -5.03 -19.42 -2.61
CA SER A 2 -4.37 -19.77 -3.86
C SER A 2 -5.12 -19.22 -5.06
N SER A 3 -4.72 -18.03 -5.50
CA SER A 3 -5.36 -17.39 -6.64
C SER A 3 -4.46 -16.32 -7.25
N GLY A 4 -4.01 -16.57 -8.47
CA GLY A 4 -3.13 -15.64 -9.15
C GLY A 4 -2.60 -16.16 -10.47
N SER A 5 -2.53 -15.30 -11.47
CA SER A 5 -2.05 -15.70 -12.79
C SER A 5 -0.61 -16.21 -12.71
N SER A 6 -0.19 -16.91 -13.75
CA SER A 6 1.16 -17.47 -13.80
C SER A 6 2.16 -16.41 -14.26
N GLY A 7 3.29 -16.33 -13.55
CA GLY A 7 4.32 -15.36 -13.90
C GLY A 7 3.99 -13.97 -13.39
N THR A 8 4.55 -13.62 -12.24
CA THR A 8 4.32 -12.31 -11.64
C THR A 8 5.61 -11.72 -11.09
N GLY A 9 5.98 -10.54 -11.60
CA GLY A 9 7.20 -9.90 -11.14
C GLY A 9 7.16 -9.57 -9.66
N GLN A 10 8.24 -8.97 -9.16
CA GLN A 10 8.33 -8.61 -7.76
C GLN A 10 8.81 -7.17 -7.59
N LYS A 11 8.09 -6.39 -6.80
CA LYS A 11 8.45 -5.00 -6.56
C LYS A 11 9.28 -4.86 -5.29
N PRO A 12 10.17 -3.85 -5.26
CA PRO A 12 11.03 -3.60 -4.12
C PRO A 12 10.26 -3.08 -2.91
N PHE A 13 8.99 -2.74 -3.12
CA PHE A 13 8.14 -2.24 -2.06
C PHE A 13 6.69 -2.69 -2.24
N GLU A 14 6.25 -3.60 -1.39
CA GLU A 14 4.88 -4.11 -1.47
C GLU A 14 4.15 -3.91 -0.15
N CYS A 15 2.87 -3.57 -0.25
CA CYS A 15 2.05 -3.34 0.95
C CYS A 15 1.43 -4.64 1.43
N THR A 16 2.25 -5.49 2.05
CA THR A 16 1.78 -6.76 2.57
C THR A 16 0.37 -6.65 3.14
N HIS A 17 0.07 -5.48 3.71
CA HIS A 17 -1.25 -5.24 4.29
C HIS A 17 -2.36 -5.66 3.34
N CYS A 18 -2.38 -5.07 2.16
CA CYS A 18 -3.38 -5.38 1.15
C CYS A 18 -2.74 -6.03 -0.07
N GLY A 19 -1.60 -5.49 -0.49
CA GLY A 19 -0.91 -6.03 -1.66
C GLY A 19 -0.53 -4.95 -2.65
N LYS A 20 -0.64 -3.70 -2.24
CA LYS A 20 -0.30 -2.57 -3.10
C LYS A 20 1.20 -2.45 -3.27
N SER A 21 1.66 -2.61 -4.51
CA SER A 21 3.09 -2.51 -4.82
C SER A 21 3.46 -1.09 -5.26
N PHE A 22 4.75 -0.77 -5.14
CA PHE A 22 5.23 0.55 -5.53
C PHE A 22 6.66 0.48 -6.04
N ARG A 23 7.13 1.57 -6.64
CA ARG A 23 8.48 1.63 -7.19
C ARG A 23 9.49 1.97 -6.10
N ALA A 24 9.19 3.01 -5.32
CA ALA A 24 10.07 3.45 -4.24
C ALA A 24 9.41 3.24 -2.88
N LYS A 25 10.19 3.44 -1.83
CA LYS A 25 9.68 3.26 -0.46
C LYS A 25 8.64 4.32 -0.14
N GLY A 26 9.03 5.58 -0.22
CA GLY A 26 8.11 6.67 0.07
C GLY A 26 6.74 6.44 -0.55
N ASN A 27 6.71 6.20 -1.85
CA ASN A 27 5.46 5.97 -2.57
C ASN A 27 4.56 5.01 -1.78
N LEU A 28 5.12 3.88 -1.39
CA LEU A 28 4.38 2.88 -0.64
C LEU A 28 4.02 3.38 0.75
N VAL A 29 5.02 3.92 1.45
CA VAL A 29 4.82 4.45 2.79
C VAL A 29 3.59 5.34 2.85
N THR A 30 3.49 6.27 1.89
CA THR A 30 2.35 7.18 1.83
C THR A 30 1.04 6.42 1.69
N HIS A 31 1.09 5.29 1.00
CA HIS A 31 -0.10 4.47 0.79
C HIS A 31 -0.53 3.79 2.08
N GLN A 32 0.42 3.19 2.79
CA GLN A 32 0.14 2.51 4.04
C GLN A 32 -0.63 3.41 4.99
N ARG A 33 -0.37 4.71 4.92
CA ARG A 33 -1.04 5.68 5.77
C ARG A 33 -2.56 5.52 5.69
N ILE A 34 -3.02 4.90 4.61
CA ILE A 34 -4.45 4.67 4.40
C ILE A 34 -4.97 3.58 5.32
N HIS A 35 -4.11 2.63 5.65
CA HIS A 35 -4.48 1.52 6.53
C HIS A 35 -4.52 1.98 7.98
N THR A 36 -3.43 2.59 8.43
CA THR A 36 -3.34 3.08 9.80
C THR A 36 -4.68 3.59 10.30
N GLY A 37 -5.11 3.11 11.46
CA GLY A 37 -6.37 3.53 12.02
C GLY A 37 -6.34 4.95 12.52
N GLU A 38 -6.85 5.88 11.72
CA GLU A 38 -6.86 7.29 12.09
C GLU A 38 -8.03 8.02 11.42
N LYS A 39 -8.83 8.70 12.22
CA LYS A 39 -9.99 9.44 11.71
C LYS A 39 -10.04 10.84 12.30
N SER A 40 -10.43 11.81 11.47
CA SER A 40 -10.52 13.20 11.92
C SER A 40 -11.97 13.60 12.15
N GLY A 41 -12.35 13.70 13.42
CA GLY A 41 -13.71 14.08 13.75
C GLY A 41 -13.77 15.01 14.96
N PRO A 42 -14.80 15.87 14.98
CA PRO A 42 -15.00 16.82 16.07
C PRO A 42 -15.41 16.14 17.38
N SER A 43 -15.48 14.82 17.35
CA SER A 43 -15.86 14.05 18.53
C SER A 43 -14.65 13.80 19.43
N SER A 44 -14.91 13.30 20.63
CA SER A 44 -13.85 13.02 21.59
C SER A 44 -12.69 12.30 20.91
N GLY A 45 -11.47 12.80 21.14
CA GLY A 45 -10.30 12.18 20.53
C GLY A 45 -10.40 10.66 20.49
ZN ZN B . -2.14 -1.34 1.43
N GLY A 1 -7.09 -1.85 -21.32
CA GLY A 1 -6.15 -0.75 -21.47
C GLY A 1 -4.73 -1.24 -21.64
N SER A 2 -3.98 -1.27 -20.55
CA SER A 2 -2.59 -1.71 -20.58
C SER A 2 -2.49 -3.21 -20.35
N SER A 3 -1.61 -3.86 -21.09
CA SER A 3 -1.42 -5.31 -20.98
C SER A 3 -0.23 -5.77 -21.82
N GLY A 4 0.52 -6.73 -21.29
CA GLY A 4 1.68 -7.24 -22.01
C GLY A 4 2.86 -7.48 -21.10
N SER A 5 2.64 -8.25 -20.03
CA SER A 5 3.70 -8.55 -19.07
C SER A 5 3.89 -10.05 -18.93
N SER A 6 5.13 -10.51 -19.03
CA SER A 6 5.44 -11.92 -18.91
C SER A 6 5.55 -12.34 -17.44
N GLY A 7 4.43 -12.77 -16.88
CA GLY A 7 4.42 -13.20 -15.48
C GLY A 7 4.75 -12.06 -14.54
N THR A 8 3.78 -11.67 -13.73
CA THR A 8 3.97 -10.59 -12.77
C THR A 8 5.23 -10.81 -11.93
N GLY A 9 5.96 -9.72 -11.66
CA GLY A 9 7.16 -9.82 -10.87
C GLY A 9 7.05 -9.12 -9.53
N GLN A 10 8.00 -9.39 -8.64
CA GLN A 10 8.00 -8.79 -7.32
C GLN A 10 8.52 -7.35 -7.38
N LYS A 11 8.19 -6.57 -6.36
CA LYS A 11 8.63 -5.17 -6.29
C LYS A 11 9.43 -4.92 -5.02
N PRO A 12 10.30 -3.91 -5.07
CA PRO A 12 11.14 -3.54 -3.92
C PRO A 12 10.34 -2.92 -2.78
N PHE A 13 9.04 -2.71 -3.03
CA PHE A 13 8.17 -2.13 -2.03
C PHE A 13 6.72 -2.57 -2.24
N GLU A 14 6.25 -3.48 -1.39
CA GLU A 14 4.88 -3.98 -1.50
C GLU A 14 4.14 -3.81 -0.18
N CYS A 15 2.86 -3.50 -0.27
CA CYS A 15 2.03 -3.30 0.91
C CYS A 15 1.38 -4.62 1.35
N THR A 16 2.20 -5.51 1.89
CA THR A 16 1.70 -6.80 2.35
C THR A 16 0.29 -6.70 2.91
N HIS A 17 0.04 -5.61 3.65
CA HIS A 17 -1.28 -5.39 4.24
C HIS A 17 -2.38 -5.78 3.26
N CYS A 18 -2.42 -5.11 2.11
CA CYS A 18 -3.42 -5.38 1.10
C CYS A 18 -2.79 -6.02 -0.13
N GLY A 19 -1.65 -5.50 -0.56
CA GLY A 19 -0.97 -6.04 -1.71
C GLY A 19 -0.61 -4.97 -2.72
N LYS A 20 -0.66 -3.71 -2.30
CA LYS A 20 -0.34 -2.58 -3.17
C LYS A 20 1.17 -2.46 -3.36
N SER A 21 1.62 -2.65 -4.60
CA SER A 21 3.05 -2.56 -4.92
C SER A 21 3.42 -1.15 -5.34
N PHE A 22 4.70 -0.81 -5.19
CA PHE A 22 5.19 0.51 -5.57
C PHE A 22 6.60 0.43 -6.11
N ARG A 23 7.09 1.55 -6.64
CA ARG A 23 8.45 1.60 -7.20
C ARG A 23 9.45 2.05 -6.14
N ALA A 24 9.09 3.08 -5.38
CA ALA A 24 9.95 3.60 -4.34
C ALA A 24 9.34 3.38 -2.96
N LYS A 25 10.19 3.39 -1.94
CA LYS A 25 9.74 3.19 -0.57
C LYS A 25 8.73 4.27 -0.17
N GLY A 26 9.10 5.53 -0.36
CA GLY A 26 8.20 6.63 -0.03
C GLY A 26 6.82 6.44 -0.60
N ASN A 27 6.72 6.40 -1.93
CA ASN A 27 5.43 6.22 -2.60
C ASN A 27 4.57 5.22 -1.85
N LEU A 28 5.16 4.10 -1.47
CA LEU A 28 4.43 3.06 -0.74
C LEU A 28 4.10 3.52 0.68
N VAL A 29 5.09 4.07 1.37
CA VAL A 29 4.89 4.55 2.74
C VAL A 29 3.65 5.42 2.83
N THR A 30 3.51 6.36 1.90
CA THR A 30 2.37 7.27 1.89
C THR A 30 1.07 6.49 1.74
N HIS A 31 1.11 5.40 0.99
CA HIS A 31 -0.07 4.57 0.78
C HIS A 31 -0.50 3.89 2.08
N GLN A 32 0.45 3.27 2.77
CA GLN A 32 0.19 2.58 4.02
C GLN A 32 -0.60 3.49 4.98
N ARG A 33 -0.30 4.78 4.94
CA ARG A 33 -0.98 5.74 5.81
C ARG A 33 -2.50 5.58 5.71
N ILE A 34 -2.95 4.94 4.65
CA ILE A 34 -4.38 4.72 4.45
C ILE A 34 -4.90 3.63 5.38
N HIS A 35 -4.06 2.63 5.65
CA HIS A 35 -4.44 1.53 6.53
C HIS A 35 -4.48 1.99 7.98
N THR A 36 -3.38 2.59 8.44
CA THR A 36 -3.29 3.07 9.81
C THR A 36 -4.63 3.59 10.31
N GLY A 37 -5.20 2.90 11.29
CA GLY A 37 -6.48 3.31 11.83
C GLY A 37 -6.36 3.83 13.25
N GLU A 38 -5.95 5.09 13.39
CA GLU A 38 -5.80 5.71 14.70
C GLU A 38 -6.18 7.19 14.66
N LYS A 39 -6.57 7.72 15.81
CA LYS A 39 -6.96 9.13 15.90
C LYS A 39 -6.80 9.65 17.32
N SER A 40 -6.07 10.75 17.46
CA SER A 40 -5.84 11.36 18.78
C SER A 40 -6.87 12.44 19.08
N GLY A 41 -6.89 12.90 20.32
CA GLY A 41 -7.83 13.93 20.71
C GLY A 41 -7.21 14.97 21.62
N PRO A 42 -8.03 15.92 22.10
CA PRO A 42 -7.57 16.98 22.99
C PRO A 42 -7.20 16.46 24.38
N SER A 43 -7.34 15.16 24.57
CA SER A 43 -7.02 14.54 25.86
C SER A 43 -6.28 13.22 25.65
N SER A 44 -5.25 13.00 26.45
CA SER A 44 -4.46 11.77 26.35
C SER A 44 -4.51 11.00 27.66
N GLY A 45 -4.88 9.72 27.57
CA GLY A 45 -4.97 8.88 28.75
C GLY A 45 -3.64 8.75 29.45
ZN ZN B . -2.12 -1.28 1.37
N GLY A 1 -11.49 4.36 -8.83
CA GLY A 1 -10.79 4.76 -10.04
C GLY A 1 -10.99 3.76 -11.17
N SER A 2 -9.92 3.06 -11.53
CA SER A 2 -9.97 2.08 -12.61
C SER A 2 -9.35 0.76 -12.17
N SER A 3 -9.50 -0.26 -13.00
CA SER A 3 -8.95 -1.58 -12.71
C SER A 3 -7.93 -2.01 -13.76
N GLY A 4 -6.94 -2.78 -13.33
CA GLY A 4 -5.90 -3.23 -14.23
C GLY A 4 -5.86 -4.74 -14.35
N SER A 5 -5.04 -5.24 -15.28
CA SER A 5 -4.91 -6.68 -15.48
C SER A 5 -3.93 -7.29 -14.50
N SER A 6 -2.82 -6.60 -14.27
CA SER A 6 -1.80 -7.08 -13.35
C SER A 6 -2.14 -6.69 -11.91
N GLY A 7 -2.30 -7.70 -11.06
CA GLY A 7 -2.62 -7.44 -9.67
C GLY A 7 -1.39 -7.32 -8.79
N THR A 8 -0.96 -8.42 -8.20
CA THR A 8 0.21 -8.42 -7.33
C THR A 8 1.40 -9.08 -8.03
N GLY A 9 2.40 -8.28 -8.35
CA GLY A 9 3.58 -8.81 -9.02
C GLY A 9 4.80 -8.81 -8.12
N GLN A 10 5.88 -8.19 -8.58
CA GLN A 10 7.12 -8.12 -7.81
C GLN A 10 7.69 -6.72 -7.84
N LYS A 11 7.98 -6.17 -6.66
CA LYS A 11 8.53 -4.83 -6.54
C LYS A 11 9.37 -4.70 -5.27
N PRO A 12 10.25 -3.69 -5.25
CA PRO A 12 11.13 -3.43 -4.10
C PRO A 12 10.36 -2.91 -2.89
N PHE A 13 9.06 -2.65 -3.08
CA PHE A 13 8.22 -2.15 -2.01
C PHE A 13 6.77 -2.61 -2.20
N GLU A 14 6.34 -3.55 -1.37
CA GLU A 14 4.99 -4.07 -1.45
C GLU A 14 4.26 -3.90 -0.11
N CYS A 15 2.97 -3.59 -0.19
CA CYS A 15 2.17 -3.39 1.01
C CYS A 15 1.58 -4.72 1.50
N THR A 16 2.42 -5.55 2.12
CA THR A 16 1.98 -6.84 2.62
C THR A 16 0.57 -6.77 3.19
N HIS A 17 0.24 -5.63 3.78
CA HIS A 17 -1.07 -5.43 4.38
C HIS A 17 -2.17 -5.85 3.41
N CYS A 18 -2.18 -5.26 2.23
CA CYS A 18 -3.18 -5.57 1.21
C CYS A 18 -2.53 -6.21 -0.02
N GLY A 19 -1.40 -5.64 -0.43
CA GLY A 19 -0.69 -6.17 -1.59
C GLY A 19 -0.36 -5.08 -2.60
N LYS A 20 -0.52 -3.83 -2.20
CA LYS A 20 -0.22 -2.71 -3.08
C LYS A 20 1.29 -2.54 -3.27
N SER A 21 1.74 -2.70 -4.51
CA SER A 21 3.15 -2.58 -4.83
C SER A 21 3.50 -1.15 -5.22
N PHE A 22 4.78 -0.81 -5.14
CA PHE A 22 5.24 0.53 -5.48
C PHE A 22 6.66 0.50 -6.01
N ARG A 23 7.08 1.59 -6.65
CA ARG A 23 8.42 1.68 -7.22
C ARG A 23 9.44 2.09 -6.15
N ALA A 24 9.11 3.14 -5.40
CA ALA A 24 9.98 3.63 -4.34
C ALA A 24 9.36 3.43 -2.97
N LYS A 25 10.20 3.39 -1.95
CA LYS A 25 9.74 3.22 -0.58
C LYS A 25 8.67 4.25 -0.22
N GLY A 26 9.09 5.52 -0.16
CA GLY A 26 8.17 6.58 0.17
C GLY A 26 6.79 6.36 -0.40
N ASN A 27 6.69 6.30 -1.73
CA ASN A 27 5.42 6.08 -2.39
C ASN A 27 4.55 5.08 -1.62
N LEU A 28 5.14 3.93 -1.31
CA LEU A 28 4.43 2.90 -0.57
C LEU A 28 4.12 3.36 0.85
N VAL A 29 5.13 3.86 1.55
CA VAL A 29 4.96 4.33 2.91
C VAL A 29 3.71 5.21 3.04
N THR A 30 3.56 6.15 2.11
CA THR A 30 2.41 7.04 2.10
C THR A 30 1.10 6.27 1.96
N HIS A 31 1.14 5.20 1.16
CA HIS A 31 -0.04 4.37 0.94
C HIS A 31 -0.47 3.67 2.23
N GLN A 32 0.49 3.07 2.91
CA GLN A 32 0.22 2.36 4.15
C GLN A 32 -0.58 3.24 5.12
N ARG A 33 -0.32 4.55 5.07
CA ARG A 33 -1.01 5.50 5.93
C ARG A 33 -2.53 5.31 5.83
N ILE A 34 -2.97 4.73 4.73
CA ILE A 34 -4.40 4.50 4.52
C ILE A 34 -4.92 3.40 5.43
N HIS A 35 -4.07 2.42 5.72
CA HIS A 35 -4.44 1.31 6.58
C HIS A 35 -4.48 1.75 8.04
N THR A 36 -3.41 2.37 8.51
CA THR A 36 -3.32 2.84 9.88
C THR A 36 -4.67 3.36 10.37
N GLY A 37 -5.33 4.16 9.53
CA GLY A 37 -6.62 4.71 9.90
C GLY A 37 -6.60 5.40 11.25
N GLU A 38 -5.90 6.53 11.33
CA GLU A 38 -5.80 7.28 12.57
C GLU A 38 -6.74 8.48 12.56
N LYS A 39 -8.00 8.24 12.91
CA LYS A 39 -8.99 9.30 12.94
C LYS A 39 -9.57 9.47 14.34
N SER A 40 -8.87 10.24 15.18
CA SER A 40 -9.31 10.46 16.54
C SER A 40 -9.20 11.94 16.91
N GLY A 41 -10.34 12.63 16.97
CA GLY A 41 -10.34 14.03 17.30
C GLY A 41 -10.70 14.29 18.75
N PRO A 42 -10.34 15.47 19.26
CA PRO A 42 -10.62 15.86 20.65
C PRO A 42 -12.11 16.11 20.89
N SER A 43 -12.61 15.63 22.02
CA SER A 43 -14.02 15.79 22.37
C SER A 43 -14.26 15.45 23.83
N SER A 44 -15.27 16.08 24.42
CA SER A 44 -15.61 15.85 25.82
C SER A 44 -15.74 14.36 26.10
N GLY A 45 -16.63 13.70 25.36
CA GLY A 45 -16.84 12.27 25.55
C GLY A 45 -15.92 11.44 24.68
ZN ZN B . -2.00 -1.47 1.48
#